data_3OGS
#
_entry.id   3OGS
#
_cell.length_a   69.500
_cell.length_b   70.300
_cell.length_c   82.400
_cell.angle_alpha   108.50
_cell.angle_beta   97.80
_cell.angle_gamma   114.40
#
_symmetry.space_group_name_H-M   'P 1'
#
loop_
_entity.id
_entity.type
_entity.pdbx_description
1 polymer Beta-galactosidase
2 branched alpha-D-mannopyranose-(1-2)-alpha-D-mannopyranose-(1-3)-alpha-D-mannopyranose-(1-6)-[alpha-D-mannopyranose-(1-3)]beta-D-mannopyranose-(1-4)-2-acetamido-2-deoxy-beta-D-glucopyranose-(1-4)-2-acetamido-2-deoxy-beta-D-glucopyranose
3 branched alpha-D-glucopyranose-(1-3)-alpha-D-mannopyranose-(1-2)-alpha-D-mannopyranose-(1-2)-alpha-D-mannopyranose-(1-3)-[alpha-D-mannopyranose-(1-3)-alpha-D-mannopyranose-(1-6)]beta-D-mannopyranose-(1-4)-2-acetamido-2-deoxy-beta-D-glucopyranose-(1-4)-2-acetamido-2-deoxy-beta-D-glucopyranose
4 branched 2-acetamido-2-deoxy-beta-D-glucopyranose-(1-4)-2-acetamido-2-deoxy-beta-D-glucopyranose
5 non-polymer '1-methylethyl 1-thio-beta-D-galactopyranoside'
6 non-polymer 2-acetamido-2-deoxy-beta-D-glucopyranose
7 water water
#
_entity_poly.entity_id   1
_entity_poly.type   'polypeptide(L)'
_entity_poly.pdbx_seq_one_letter_code
;TSIGLHGGRPRDIILDDAKGPLQNIVTWDEHSLFVHGERVVIFSGEVHPFRLPVPSLYLDVFHKIKALGFNTVSFYVDWA
LLEGKPGRFRADGIFSLEPFFEAATKAGIYLLARPGPYINAEVSGGGFPGWLQRVKGKLRTDAPDYLHATDNYVAHIASI
IAKAQITNGGPVILYQPENEYSGAAEGVLFPNKPYMQYVIDQARNAGIIVPLINNDAFPGGTGAPGTGLGSVDIYGHDGY
PLGFDCAHPSAWPDNGLPTTWRQDHLNISPSTPFSLVEFQGGAFDPFGGWGFEQCSALVNHEFERVFYKNNMAAGVTIFN
IYMTFGGTNWGNLGHPGGYTSYDYGASIREDRRIDREKYSELKLQGQFLKVSPGYITATPENATQGVYSDSQNIVITPLL
AKESGDFFVVRHANYSSTDTASYTVKLPTSAGDLTIPQLGGSLTLTGRDSKIHVTDYPVGKFTLLYSTAEIFTWNEFAEK
TVLVLYGGAQELHEFAVKNPFGSSKTAKAKKIEGSNVTIHTTSNLTVVLQWTASSARQVVQLGSLVIYMVDRNSAYNYWV
PTLPGSGKQSAYGSSLMNPDSVIINGGYLIRSVAIKGNALSVQADFNVTTPLEIIGIPKGISKLAVNGKELGYSVSELGD
WIAHPAIEIPHVQVPELTKLKWYKVDSLPEIRSNYDDSRWPLANLRTSNNTYAPLKTPVSLYGSDYGFHAGTLLFRGRFT
ARTARQQLFLSTQGGSAFASSVWLNDRFIGSFTGFDAASAANSSYTLDRLVRGRRYILTVVVDSTGLDENWTTGDDSMKA
PRGILDYALTSSSGANVSISWKLTGNLGGEDYRDVFRGPLNEGGLFFERQGFHLPSPPLSDFTHGPSSSSSSSSPLDGIA
HAGIAFYAAKLPLHLPAQEYDIPLSFVFDNATAAAPYRALLYVNGFQYGKYVSNIGPQTEFPVPEGILDYNGDNWIGVAL
WALESRGAKVPGLALKSKSPILTGRERVEVVKGPHFKKRHGAY
;
_entity_poly.pdbx_strand_id   A
#
# COMPACT_ATOMS: atom_id res chain seq x y z
N ALA A 18 17.16 -25.71 -7.31
CA ALA A 18 18.02 -24.47 -7.08
C ALA A 18 19.42 -24.78 -6.54
N LYS A 19 20.44 -24.31 -7.28
CA LYS A 19 21.89 -24.60 -7.14
C LYS A 19 22.75 -23.32 -7.45
N GLY A 20 22.50 -22.27 -6.69
CA GLY A 20 23.43 -21.17 -6.66
C GLY A 20 23.04 -20.00 -7.54
N PRO A 21 23.84 -18.92 -7.49
CA PRO A 21 23.49 -17.76 -8.36
C PRO A 21 23.82 -18.00 -9.84
N LEU A 22 23.09 -17.31 -10.69
CA LEU A 22 23.32 -17.35 -12.16
C LEU A 22 24.07 -16.19 -12.75
N GLN A 23 24.47 -15.24 -11.89
CA GLN A 23 25.15 -13.96 -12.25
C GLN A 23 25.92 -13.46 -11.03
N ASN A 24 26.83 -12.49 -11.22
CA ASN A 24 27.69 -12.04 -10.06
C ASN A 24 27.36 -10.68 -9.42
N ILE A 25 26.27 -10.07 -9.88
CA ILE A 25 25.90 -8.72 -9.43
CA ILE A 25 25.89 -8.72 -9.43
C ILE A 25 25.10 -8.80 -8.12
N VAL A 26 24.17 -9.76 -8.04
CA VAL A 26 23.40 -9.96 -6.74
C VAL A 26 23.62 -11.40 -6.22
N THR A 27 24.26 -11.50 -5.04
CA THR A 27 24.68 -12.85 -4.50
C THR A 27 24.32 -12.87 -2.98
N TRP A 28 24.55 -13.94 -2.21
CA TRP A 28 24.06 -14.00 -0.74
C TRP A 28 24.88 -15.01 0.07
N ASP A 29 24.76 -15.02 1.41
CA ASP A 29 25.30 -16.08 2.22
C ASP A 29 24.45 -16.20 3.47
N GLU A 30 24.93 -16.88 4.53
CA GLU A 30 24.10 -17.00 5.79
C GLU A 30 23.62 -15.64 6.36
N HIS A 31 24.43 -14.55 6.19
CA HIS A 31 24.19 -13.29 6.89
C HIS A 31 23.41 -12.28 6.07
N SER A 32 23.69 -12.12 4.75
CA SER A 32 23.05 -11.01 4.02
C SER A 32 23.12 -11.19 2.54
N LEU A 33 22.32 -10.42 1.79
CA LEU A 33 22.58 -10.15 0.35
C LEU A 33 23.83 -9.35 0.11
N PHE A 34 24.38 -9.38 -1.13
CA PHE A 34 25.53 -8.53 -1.47
C PHE A 34 25.08 -7.91 -2.83
N VAL A 35 25.34 -6.60 -3.05
CA VAL A 35 24.96 -5.89 -4.35
C VAL A 35 26.22 -5.19 -4.86
N HIS A 36 26.65 -5.56 -6.07
CA HIS A 36 27.94 -5.09 -6.61
C HIS A 36 29.10 -5.41 -5.60
N GLY A 37 29.05 -6.57 -4.91
CA GLY A 37 30.07 -6.95 -3.92
C GLY A 37 30.05 -6.28 -2.52
N GLU A 38 29.07 -5.40 -2.26
CA GLU A 38 28.83 -4.72 -0.94
C GLU A 38 27.77 -5.45 -0.11
N ARG A 39 28.07 -5.79 1.17
CA ARG A 39 27.01 -6.34 2.06
C ARG A 39 26.03 -5.19 2.34
N VAL A 40 24.74 -5.50 2.35
CA VAL A 40 23.72 -4.48 2.65
CA VAL A 40 23.68 -4.50 2.62
C VAL A 40 22.57 -5.07 3.52
N VAL A 41 21.90 -4.22 4.33
CA VAL A 41 20.58 -4.59 4.92
C VAL A 41 19.56 -4.05 3.91
N ILE A 42 18.79 -4.97 3.30
CA ILE A 42 17.66 -4.62 2.44
C ILE A 42 16.47 -4.19 3.34
N PHE A 43 16.08 -2.92 3.25
CA PHE A 43 14.94 -2.37 4.05
C PHE A 43 14.04 -1.75 2.99
N SER A 44 12.86 -2.37 2.78
CA SER A 44 12.04 -2.21 1.57
C SER A 44 10.60 -1.82 1.97
N GLY A 45 9.91 -1.10 1.07
CA GLY A 45 8.52 -0.72 1.31
C GLY A 45 7.61 -1.24 0.19
N GLU A 46 6.40 -1.75 0.49
CA GLU A 46 5.51 -2.22 -0.60
C GLU A 46 4.72 -1.08 -1.28
N VAL A 47 4.74 -0.96 -2.63
CA VAL A 47 3.96 0.03 -3.44
C VAL A 47 3.39 -0.72 -4.67
N HIS A 48 2.12 -0.51 -5.03
CA HIS A 48 1.52 -1.22 -6.14
C HIS A 48 1.24 -0.25 -7.32
N PRO A 49 2.01 -0.35 -8.44
CA PRO A 49 1.85 0.68 -9.53
C PRO A 49 0.45 0.83 -10.06
N PHE A 50 -0.29 -0.28 -10.15
CA PHE A 50 -1.68 -0.24 -10.67
C PHE A 50 -2.69 0.52 -9.76
N ARG A 51 -2.34 0.77 -8.49
CA ARG A 51 -3.22 1.53 -7.56
C ARG A 51 -2.90 3.06 -7.54
N LEU A 52 -2.07 3.55 -8.48
CA LEU A 52 -1.78 4.99 -8.63
C LEU A 52 -1.57 5.32 -10.15
N PRO A 53 -2.67 5.51 -10.87
CA PRO A 53 -2.52 5.65 -12.36
C PRO A 53 -2.10 7.03 -12.90
N VAL A 54 -1.07 7.59 -12.24
CA VAL A 54 -0.49 8.94 -12.63
C VAL A 54 1.03 8.78 -12.67
N PRO A 55 1.60 8.59 -13.87
CA PRO A 55 3.01 8.15 -13.99
C PRO A 55 3.95 9.20 -13.36
N SER A 56 3.58 10.50 -13.50
CA SER A 56 4.44 11.60 -12.97
C SER A 56 4.48 11.74 -11.43
N LEU A 57 3.68 10.94 -10.73
CA LEU A 57 3.72 10.91 -9.23
C LEU A 57 4.46 9.75 -8.63
N TYR A 58 4.91 8.79 -9.46
CA TYR A 58 5.79 7.71 -8.90
C TYR A 58 7.07 8.32 -8.27
N LEU A 59 7.75 9.26 -8.96
CA LEU A 59 8.92 9.94 -8.29
C LEU A 59 8.62 10.60 -6.87
N ASP A 60 7.43 11.24 -6.70
CA ASP A 60 7.02 11.78 -5.36
C ASP A 60 6.99 10.69 -4.27
N VAL A 61 6.38 9.54 -4.55
CA VAL A 61 6.34 8.46 -3.58
C VAL A 61 7.74 7.88 -3.32
N PHE A 62 8.54 7.69 -4.36
CA PHE A 62 9.90 7.13 -4.16
C PHE A 62 10.78 8.13 -3.34
N HIS A 63 10.59 9.48 -3.51
CA HIS A 63 11.38 10.52 -2.70
C HIS A 63 11.00 10.31 -1.21
N LYS A 64 9.72 10.05 -0.95
CA LYS A 64 9.28 9.90 0.45
C LYS A 64 9.81 8.61 1.10
N ILE A 65 9.83 7.50 0.33
CA ILE A 65 10.43 6.19 0.84
C ILE A 65 11.94 6.27 0.98
N LYS A 66 12.63 6.86 -0.03
CA LYS A 66 14.10 7.07 0.11
C LYS A 66 14.50 7.92 1.37
N ALA A 67 13.68 8.95 1.73
CA ALA A 67 14.00 9.83 2.91
C ALA A 67 13.83 9.05 4.26
N LEU A 68 13.16 7.89 4.25
CA LEU A 68 13.02 7.03 5.52
C LEU A 68 14.39 6.35 5.76
N GLY A 69 15.26 6.40 4.76
CA GLY A 69 16.50 5.55 4.81
C GLY A 69 16.34 4.14 4.20
N PHE A 70 15.22 3.90 3.50
CA PHE A 70 15.00 2.63 2.76
C PHE A 70 15.80 2.64 1.45
N ASN A 71 16.21 1.44 0.97
CA ASN A 71 16.92 1.31 -0.37
C ASN A 71 16.16 0.56 -1.50
N THR A 72 14.99 0.00 -1.14
CA THR A 72 14.21 -0.96 -2.01
C THR A 72 12.69 -0.69 -1.89
N VAL A 73 11.96 -0.95 -2.99
CA VAL A 73 10.50 -1.06 -3.04
C VAL A 73 10.09 -2.45 -3.65
N SER A 74 9.05 -3.10 -3.05
CA SER A 74 8.49 -4.42 -3.51
C SER A 74 7.19 -4.09 -4.18
N PHE A 75 6.84 -4.78 -5.32
CA PHE A 75 5.60 -4.46 -6.06
C PHE A 75 4.95 -5.72 -6.66
N TYR A 76 3.60 -5.76 -6.64
CA TYR A 76 2.80 -6.74 -7.45
C TYR A 76 2.54 -6.22 -8.90
N VAL A 77 2.19 -7.16 -9.81
CA VAL A 77 1.56 -6.83 -11.08
C VAL A 77 0.21 -7.60 -11.10
N ASP A 78 -0.87 -6.93 -11.53
CA ASP A 78 -2.24 -7.52 -11.61
C ASP A 78 -2.52 -8.02 -13.06
N TRP A 79 -2.44 -9.37 -13.27
CA TRP A 79 -2.80 -10.06 -14.54
C TRP A 79 -4.17 -9.66 -15.14
N ALA A 80 -5.18 -9.58 -14.26
CA ALA A 80 -6.54 -9.23 -14.69
C ALA A 80 -6.57 -7.87 -15.47
N LEU A 81 -5.70 -6.89 -15.13
CA LEU A 81 -5.68 -5.57 -15.92
C LEU A 81 -4.98 -5.63 -17.26
N LEU A 82 -4.07 -6.60 -17.43
CA LEU A 82 -3.19 -6.62 -18.63
C LEU A 82 -3.61 -7.67 -19.68
N GLU A 83 -4.44 -8.63 -19.29
CA GLU A 83 -4.93 -9.61 -20.34
C GLU A 83 -6.45 -9.81 -20.21
N GLY A 84 -7.23 -8.72 -20.27
CA GLY A 84 -8.68 -8.88 -20.00
C GLY A 84 -9.35 -9.70 -21.15
N LYS A 85 -8.83 -9.59 -22.38
CA LYS A 85 -9.21 -10.57 -23.44
C LYS A 85 -8.18 -11.74 -23.59
N PRO A 86 -8.59 -13.02 -23.51
CA PRO A 86 -7.61 -14.15 -23.57
C PRO A 86 -6.83 -14.12 -24.91
N GLY A 87 -5.48 -14.19 -24.81
CA GLY A 87 -4.61 -14.16 -25.98
C GLY A 87 -4.15 -12.75 -26.40
N ARG A 88 -4.63 -11.70 -25.74
CA ARG A 88 -4.23 -10.28 -26.07
C ARG A 88 -3.58 -9.54 -24.88
N PHE A 89 -2.29 -9.71 -24.70
CA PHE A 89 -1.57 -8.95 -23.66
C PHE A 89 -1.37 -7.47 -24.07
N ARG A 90 -1.70 -6.53 -23.16
CA ARG A 90 -1.62 -5.06 -23.33
C ARG A 90 -1.15 -4.36 -22.04
N ALA A 91 0.01 -3.71 -22.08
CA ALA A 91 0.60 -2.92 -20.93
C ALA A 91 1.10 -1.54 -21.40
N ASP A 92 0.19 -0.72 -21.96
CA ASP A 92 0.53 0.61 -22.50
C ASP A 92 -0.06 1.77 -21.67
N GLY A 93 0.43 3.02 -21.87
CA GLY A 93 -0.20 4.25 -21.22
C GLY A 93 -0.10 4.11 -19.69
N ILE A 94 -1.23 4.21 -19.00
CA ILE A 94 -1.18 4.14 -17.52
C ILE A 94 -0.83 2.71 -16.98
N PHE A 95 -0.98 1.68 -17.83
CA PHE A 95 -0.60 0.27 -17.53
C PHE A 95 0.87 -0.11 -17.78
N SER A 96 1.66 0.82 -18.44
CA SER A 96 3.07 0.57 -18.66
C SER A 96 3.87 0.58 -17.32
N LEU A 97 4.84 -0.35 -17.18
CA LEU A 97 5.81 -0.28 -16.07
C LEU A 97 7.04 0.63 -16.34
N GLU A 98 7.22 1.04 -17.59
CA GLU A 98 8.39 1.91 -17.89
C GLU A 98 8.58 3.19 -17.03
N PRO A 99 7.52 4.00 -16.76
CA PRO A 99 7.79 5.17 -15.92
C PRO A 99 8.03 4.83 -14.46
N PHE A 100 7.53 3.63 -14.02
CA PHE A 100 7.78 3.16 -12.62
C PHE A 100 9.28 2.80 -12.52
N PHE A 101 9.74 2.01 -13.50
CA PHE A 101 11.22 1.67 -13.56
C PHE A 101 12.14 2.97 -13.70
N GLU A 102 11.78 3.92 -14.58
CA GLU A 102 12.53 5.24 -14.70
C GLU A 102 12.55 6.04 -13.38
N ALA A 103 11.42 6.13 -12.67
CA ALA A 103 11.41 6.88 -11.45
C ALA A 103 12.28 6.20 -10.34
N ALA A 104 12.34 4.84 -10.32
CA ALA A 104 13.17 4.12 -9.27
C ALA A 104 14.67 4.50 -9.51
N THR A 105 15.07 4.54 -10.79
CA THR A 105 16.48 4.85 -11.13
C THR A 105 16.77 6.36 -10.78
N LYS A 106 15.81 7.27 -11.07
CA LYS A 106 15.99 8.71 -10.73
C LYS A 106 16.07 9.01 -9.22
N ALA A 107 15.34 8.21 -8.42
CA ALA A 107 15.38 8.32 -6.94
C ALA A 107 16.52 7.60 -6.24
N GLY A 108 17.24 6.75 -7.00
CA GLY A 108 18.26 5.77 -6.51
C GLY A 108 17.63 4.67 -5.55
N ILE A 109 16.60 3.96 -6.03
CA ILE A 109 15.89 2.83 -5.32
C ILE A 109 15.93 1.56 -6.15
N TYR A 110 16.17 0.43 -5.50
CA TYR A 110 16.17 -0.94 -6.17
C TYR A 110 14.80 -1.60 -6.05
N LEU A 111 14.46 -2.63 -6.88
CA LEU A 111 13.12 -3.26 -6.82
C LEU A 111 13.07 -4.80 -6.66
N LEU A 112 12.08 -5.27 -5.84
CA LEU A 112 11.69 -6.72 -5.78
C LEU A 112 10.40 -6.92 -6.59
N ALA A 113 10.52 -7.63 -7.74
CA ALA A 113 9.34 -7.83 -8.62
C ALA A 113 8.48 -9.10 -8.25
N ARG A 114 7.16 -8.91 -8.02
CA ARG A 114 6.21 -10.06 -7.65
C ARG A 114 5.01 -10.20 -8.60
N PRO A 115 5.24 -10.76 -9.82
CA PRO A 115 4.15 -10.69 -10.84
C PRO A 115 3.10 -11.82 -10.82
N GLY A 116 3.09 -12.69 -9.78
CA GLY A 116 2.17 -13.82 -9.74
C GLY A 116 2.60 -15.10 -10.48
N PRO A 117 1.72 -15.70 -11.37
CA PRO A 117 0.41 -15.17 -11.79
C PRO A 117 -0.62 -14.92 -10.71
N TYR A 118 -0.68 -15.75 -9.65
CA TYR A 118 -1.62 -15.46 -8.51
C TYR A 118 -0.95 -14.49 -7.48
N ILE A 119 -1.60 -13.39 -7.09
CA ILE A 119 -1.00 -12.33 -6.16
C ILE A 119 -1.78 -12.15 -4.80
N ASN A 120 -3.03 -12.65 -4.73
CA ASN A 120 -3.99 -12.43 -3.57
C ASN A 120 -4.23 -10.87 -3.45
N ALA A 121 -3.54 -10.13 -2.54
CA ALA A 121 -3.46 -8.62 -2.57
C ALA A 121 -4.76 -7.85 -2.36
N GLU A 122 -5.81 -8.54 -1.87
CA GLU A 122 -7.14 -7.93 -1.79
C GLU A 122 -7.61 -7.31 -3.12
N VAL A 123 -7.21 -7.87 -4.23
CA VAL A 123 -7.68 -7.38 -5.58
C VAL A 123 -8.67 -8.43 -6.12
N SER A 124 -9.54 -8.02 -7.06
CA SER A 124 -10.51 -8.97 -7.70
C SER A 124 -9.81 -10.25 -8.25
N GLY A 125 -10.36 -11.45 -7.93
CA GLY A 125 -9.83 -12.77 -8.32
C GLY A 125 -8.49 -13.17 -7.74
N GLY A 126 -7.93 -12.35 -6.81
CA GLY A 126 -6.54 -12.44 -6.37
C GLY A 126 -5.58 -12.24 -7.51
N GLY A 127 -6.03 -11.58 -8.56
CA GLY A 127 -5.20 -11.34 -9.77
C GLY A 127 -5.68 -12.12 -11.02
N PHE A 128 -6.36 -13.24 -10.81
CA PHE A 128 -6.85 -14.12 -11.94
C PHE A 128 -7.94 -13.41 -12.78
N PRO A 129 -7.75 -13.29 -14.12
CA PRO A 129 -8.84 -12.75 -14.89
C PRO A 129 -10.15 -13.60 -14.81
N GLY A 130 -11.30 -12.90 -14.90
CA GLY A 130 -12.61 -13.64 -14.87
C GLY A 130 -12.82 -14.84 -15.81
N TRP A 131 -12.20 -14.80 -17.01
CA TRP A 131 -12.34 -15.95 -17.90
C TRP A 131 -11.74 -17.30 -17.35
N LEU A 132 -10.95 -17.26 -16.27
CA LEU A 132 -10.55 -18.52 -15.60
C LEU A 132 -11.77 -19.32 -14.97
N GLN A 133 -12.92 -18.66 -14.74
CA GLN A 133 -14.13 -19.45 -14.33
C GLN A 133 -14.56 -20.49 -15.43
N ARG A 134 -14.13 -20.32 -16.70
CA ARG A 134 -14.47 -21.24 -17.81
C ARG A 134 -13.35 -22.34 -17.98
N VAL A 135 -12.39 -22.36 -17.06
CA VAL A 135 -11.33 -23.40 -17.06
C VAL A 135 -11.71 -24.59 -16.13
N LYS A 136 -11.91 -25.82 -16.67
CA LYS A 136 -12.40 -26.92 -15.77
C LYS A 136 -11.52 -27.37 -14.59
N GLY A 137 -10.20 -27.49 -14.78
CA GLY A 137 -9.37 -28.13 -13.76
C GLY A 137 -9.04 -27.18 -12.56
N LYS A 138 -8.48 -27.76 -11.50
CA LYS A 138 -8.27 -27.00 -10.26
C LYS A 138 -7.19 -25.92 -10.43
N LEU A 139 -7.50 -24.69 -9.99
CA LEU A 139 -6.50 -23.60 -10.04
C LEU A 139 -5.31 -23.82 -9.10
N ARG A 140 -4.16 -23.31 -9.51
CA ARG A 140 -2.89 -23.37 -8.80
C ARG A 140 -2.46 -24.88 -8.57
N THR A 141 -2.80 -25.74 -9.54
CA THR A 141 -2.27 -27.16 -9.61
C THR A 141 -1.69 -27.43 -10.97
N ASP A 142 -1.14 -28.65 -11.14
CA ASP A 142 -0.66 -28.99 -12.50
C ASP A 142 -1.75 -29.51 -13.52
N ALA A 143 -3.04 -29.19 -13.29
CA ALA A 143 -4.05 -29.48 -14.31
C ALA A 143 -3.61 -28.72 -15.55
N PRO A 144 -3.63 -29.38 -16.74
CA PRO A 144 -3.00 -28.76 -17.94
C PRO A 144 -3.74 -27.61 -18.51
N ASP A 145 -5.06 -27.60 -18.32
CA ASP A 145 -5.85 -26.45 -18.85
C ASP A 145 -5.50 -25.13 -18.05
N TYR A 146 -5.39 -25.22 -16.70
CA TYR A 146 -4.87 -24.08 -15.87
C TYR A 146 -3.43 -23.65 -16.25
N LEU A 147 -2.46 -24.60 -16.26
CA LEU A 147 -1.08 -24.24 -16.60
C LEU A 147 -1.00 -23.55 -17.97
N HIS A 148 -1.70 -24.08 -18.98
CA HIS A 148 -1.53 -23.48 -20.32
C HIS A 148 -2.25 -22.10 -20.40
N ALA A 149 -3.23 -21.85 -19.53
CA ALA A 149 -3.93 -20.52 -19.46
C ALA A 149 -3.00 -19.41 -18.96
N THR A 150 -1.96 -19.78 -18.21
CA THR A 150 -0.99 -18.74 -17.65
C THR A 150 0.21 -18.42 -18.62
N ASP A 151 0.44 -19.26 -19.67
CA ASP A 151 1.73 -19.20 -20.41
C ASP A 151 1.97 -17.80 -21.14
N ASN A 152 0.94 -17.31 -21.86
CA ASN A 152 1.06 -16.01 -22.61
C ASN A 152 1.41 -14.80 -21.64
N TYR A 153 0.66 -14.68 -20.53
CA TYR A 153 0.90 -13.61 -19.53
C TYR A 153 2.34 -13.68 -19.01
N VAL A 154 2.77 -14.88 -18.55
CA VAL A 154 4.12 -14.93 -17.91
C VAL A 154 5.22 -14.64 -18.95
N ALA A 155 5.09 -15.19 -20.17
CA ALA A 155 6.08 -14.89 -21.25
C ALA A 155 6.24 -13.38 -21.48
N HIS A 156 5.12 -12.63 -21.53
CA HIS A 156 5.20 -11.13 -21.76
C HIS A 156 5.70 -10.36 -20.51
N ILE A 157 5.13 -10.64 -19.31
CA ILE A 157 5.49 -9.81 -18.17
C ILE A 157 6.94 -10.12 -17.65
N ALA A 158 7.36 -11.39 -17.64
CA ALA A 158 8.73 -11.74 -17.17
C ALA A 158 9.74 -11.25 -18.18
N SER A 159 9.37 -11.12 -19.47
CA SER A 159 10.33 -10.48 -20.44
C SER A 159 10.50 -8.94 -20.22
N ILE A 160 9.41 -8.23 -19.89
CA ILE A 160 9.50 -6.75 -19.51
C ILE A 160 10.37 -6.59 -18.28
N ILE A 161 10.16 -7.41 -17.26
CA ILE A 161 10.95 -7.28 -16.00
C ILE A 161 12.40 -7.70 -16.25
N ALA A 162 12.62 -8.68 -17.14
CA ALA A 162 14.05 -9.13 -17.47
C ALA A 162 14.88 -7.96 -18.09
N LYS A 163 14.25 -7.17 -18.97
CA LYS A 163 14.95 -5.96 -19.51
C LYS A 163 15.34 -4.87 -18.43
N ALA A 164 14.57 -4.80 -17.35
CA ALA A 164 14.80 -3.84 -16.21
C ALA A 164 15.71 -4.37 -15.08
N GLN A 165 16.26 -5.58 -15.24
CA GLN A 165 17.26 -6.15 -14.27
C GLN A 165 18.53 -5.32 -14.10
N ILE A 166 19.11 -5.40 -12.91
CA ILE A 166 20.36 -4.64 -12.59
C ILE A 166 21.51 -5.09 -13.54
N THR A 167 21.44 -6.36 -14.04
CA THR A 167 22.45 -6.93 -15.00
C THR A 167 22.36 -6.23 -16.40
N ASN A 168 21.30 -5.46 -16.64
CA ASN A 168 21.12 -4.70 -17.89
C ASN A 168 21.08 -3.18 -17.60
N GLY A 169 21.62 -2.75 -16.46
CA GLY A 169 21.58 -1.31 -16.09
C GLY A 169 20.28 -0.73 -15.50
N GLY A 170 19.36 -1.60 -15.02
CA GLY A 170 18.03 -1.13 -14.51
C GLY A 170 17.95 -1.45 -13.00
N PRO A 171 16.80 -1.21 -12.39
CA PRO A 171 16.65 -1.29 -10.89
C PRO A 171 16.27 -2.63 -10.24
N VAL A 172 15.83 -3.62 -11.04
CA VAL A 172 15.35 -4.97 -10.56
C VAL A 172 16.44 -5.84 -9.95
N ILE A 173 16.34 -6.18 -8.63
CA ILE A 173 17.37 -7.06 -8.02
C ILE A 173 16.87 -8.51 -7.52
N LEU A 174 15.54 -8.72 -7.40
CA LEU A 174 14.99 -10.03 -6.84
C LEU A 174 13.65 -10.29 -7.50
N TYR A 175 13.25 -11.57 -7.66
CA TYR A 175 11.95 -11.96 -8.27
C TYR A 175 11.19 -13.00 -7.41
N GLN A 176 9.92 -12.80 -7.17
CA GLN A 176 9.14 -13.81 -6.40
C GLN A 176 8.16 -14.53 -7.39
N PRO A 177 8.22 -15.87 -7.54
CA PRO A 177 7.13 -16.59 -8.31
C PRO A 177 5.99 -17.07 -7.41
N GLU A 178 4.78 -17.16 -7.98
CA GLU A 178 3.61 -17.54 -7.12
C GLU A 178 3.43 -16.54 -5.91
N ASN A 179 2.59 -16.95 -4.96
CA ASN A 179 2.37 -16.12 -3.72
C ASN A 179 1.81 -16.98 -2.54
N GLU A 180 2.53 -17.01 -1.44
CA GLU A 180 2.02 -17.64 -0.21
C GLU A 180 1.48 -19.10 -0.48
N TYR A 181 2.33 -19.90 -1.13
CA TYR A 181 1.94 -21.30 -1.46
C TYR A 181 2.26 -22.16 -0.24
N SER A 182 1.28 -22.33 0.68
CA SER A 182 1.58 -22.69 2.09
C SER A 182 0.76 -23.87 2.66
N GLY A 183 -0.28 -24.25 1.94
CA GLY A 183 -1.14 -25.39 2.30
C GLY A 183 -2.21 -25.66 1.25
N ALA A 184 -3.03 -26.72 1.48
CA ALA A 184 -4.10 -27.10 0.55
C ALA A 184 -5.29 -27.81 1.22
N ALA A 185 -6.40 -27.95 0.48
CA ALA A 185 -7.63 -28.61 0.89
C ALA A 185 -7.35 -30.13 1.16
N GLU A 186 -8.18 -30.77 1.98
CA GLU A 186 -8.01 -32.23 2.29
C GLU A 186 -8.15 -33.09 1.03
N GLY A 187 -7.29 -34.11 0.89
CA GLY A 187 -7.20 -34.96 -0.34
C GLY A 187 -6.60 -34.39 -1.63
N VAL A 188 -5.88 -33.26 -1.49
CA VAL A 188 -5.15 -32.58 -2.58
C VAL A 188 -3.67 -32.70 -2.18
N LEU A 189 -2.87 -33.20 -3.11
CA LEU A 189 -1.40 -33.28 -3.03
C LEU A 189 -0.74 -31.94 -2.63
N PHE A 190 -0.07 -31.94 -1.49
CA PHE A 190 0.71 -30.74 -1.10
C PHE A 190 1.94 -31.09 -0.29
N PRO A 191 3.12 -30.46 -0.55
CA PRO A 191 3.44 -29.53 -1.70
C PRO A 191 3.43 -30.30 -3.00
N ASN A 192 2.98 -29.67 -4.07
CA ASN A 192 2.97 -30.36 -5.39
C ASN A 192 4.23 -29.93 -6.12
N LYS A 193 5.29 -30.76 -6.09
CA LYS A 193 6.63 -30.25 -6.50
C LYS A 193 6.72 -30.08 -8.05
N PRO A 194 6.09 -30.97 -8.87
CA PRO A 194 6.10 -30.68 -10.33
C PRO A 194 5.38 -29.34 -10.67
N TYR A 195 4.34 -28.97 -9.91
CA TYR A 195 3.64 -27.66 -10.13
C TYR A 195 4.59 -26.46 -9.80
N MET A 196 5.22 -26.51 -8.63
CA MET A 196 6.21 -25.45 -8.22
C MET A 196 7.31 -25.27 -9.29
N GLN A 197 7.88 -26.42 -9.78
CA GLN A 197 8.97 -26.28 -10.80
C GLN A 197 8.48 -25.76 -12.11
N TYR A 198 7.22 -26.07 -12.49
CA TYR A 198 6.73 -25.49 -13.81
C TYR A 198 6.70 -23.92 -13.71
N VAL A 199 6.23 -23.39 -12.57
CA VAL A 199 6.17 -21.89 -12.31
C VAL A 199 7.56 -21.22 -12.36
N ILE A 200 8.53 -21.85 -11.72
CA ILE A 200 9.99 -21.40 -11.79
C ILE A 200 10.49 -21.44 -13.26
N ASP A 201 10.18 -22.55 -14.01
CA ASP A 201 10.68 -22.68 -15.45
C ASP A 201 10.13 -21.61 -16.34
N GLN A 202 8.85 -21.23 -16.14
CA GLN A 202 8.31 -20.14 -17.00
C GLN A 202 9.07 -18.81 -16.86
N ALA A 203 9.45 -18.50 -15.64
CA ALA A 203 10.27 -17.25 -15.37
C ALA A 203 11.70 -17.37 -15.92
N ARG A 204 12.41 -18.49 -15.68
CA ARG A 204 13.79 -18.69 -16.23
C ARG A 204 13.76 -18.64 -17.78
N ASN A 205 12.78 -19.33 -18.36
CA ASN A 205 12.71 -19.38 -19.81
C ASN A 205 12.54 -17.99 -20.47
N ALA A 206 11.87 -17.05 -19.78
CA ALA A 206 11.72 -15.61 -20.25
C ALA A 206 12.95 -14.65 -20.02
N GLY A 207 14.04 -15.18 -19.42
CA GLY A 207 15.26 -14.38 -19.21
C GLY A 207 15.54 -13.87 -17.79
N ILE A 208 14.72 -14.27 -16.83
CA ILE A 208 15.01 -13.86 -15.46
C ILE A 208 16.23 -14.63 -14.92
N ILE A 209 17.24 -13.89 -14.45
CA ILE A 209 18.53 -14.47 -13.99
C ILE A 209 18.91 -14.00 -12.56
N VAL A 210 18.19 -13.00 -11.96
CA VAL A 210 18.43 -12.60 -10.54
C VAL A 210 17.90 -13.70 -9.62
N PRO A 211 18.19 -13.62 -8.33
CA PRO A 211 17.72 -14.71 -7.39
C PRO A 211 16.19 -14.75 -7.19
N LEU A 212 15.63 -15.97 -6.94
CA LEU A 212 14.27 -16.22 -6.66
C LEU A 212 14.04 -16.34 -5.17
N ILE A 213 12.99 -15.66 -4.66
CA ILE A 213 12.66 -15.64 -3.21
C ILE A 213 11.16 -15.96 -3.04
N ASN A 214 10.74 -16.66 -1.96
CA ASN A 214 9.31 -16.93 -1.75
C ASN A 214 8.80 -16.32 -0.43
N ASN A 215 7.49 -16.53 -0.12
CA ASN A 215 6.83 -15.80 0.98
C ASN A 215 5.81 -16.74 1.66
N ASP A 216 6.31 -17.82 2.23
CA ASP A 216 5.49 -18.80 3.06
C ASP A 216 4.69 -18.06 4.20
N ALA A 217 3.42 -18.45 4.46
CA ALA A 217 2.52 -17.82 5.47
C ALA A 217 3.06 -17.90 6.89
N PHE A 218 3.81 -18.98 7.16
CA PHE A 218 4.45 -19.23 8.46
C PHE A 218 5.73 -20.04 8.16
N PRO A 219 6.59 -20.29 9.17
CA PRO A 219 7.79 -21.09 8.89
C PRO A 219 7.45 -22.63 8.71
N GLY A 220 6.88 -22.99 7.54
CA GLY A 220 6.45 -24.37 7.24
C GLY A 220 7.53 -25.09 6.41
N GLY A 221 8.52 -24.33 5.91
CA GLY A 221 9.60 -24.89 5.09
C GLY A 221 9.29 -25.20 3.58
N THR A 222 8.13 -24.80 3.06
CA THR A 222 7.73 -25.16 1.68
C THR A 222 8.60 -24.38 0.68
N GLY A 223 9.22 -25.10 -0.28
CA GLY A 223 10.15 -24.50 -1.32
C GLY A 223 11.54 -24.11 -0.84
N ALA A 224 11.90 -24.47 0.40
CA ALA A 224 13.18 -24.05 0.91
C ALA A 224 14.32 -24.78 0.18
N PRO A 225 15.52 -24.17 0.10
CA PRO A 225 16.74 -24.90 -0.36
C PRO A 225 16.91 -26.24 0.32
N GLY A 226 17.23 -27.31 -0.44
CA GLY A 226 17.34 -28.66 0.17
C GLY A 226 16.11 -29.53 0.01
N THR A 227 15.02 -28.96 -0.52
CA THR A 227 13.78 -29.76 -0.69
C THR A 227 13.61 -30.38 -2.12
N GLY A 228 14.59 -30.21 -3.01
CA GLY A 228 14.56 -30.87 -4.31
C GLY A 228 13.76 -30.12 -5.37
N LEU A 229 12.99 -30.87 -6.15
CA LEU A 229 12.21 -30.29 -7.23
C LEU A 229 11.28 -29.17 -6.65
N GLY A 230 11.20 -28.01 -7.33
CA GLY A 230 10.31 -26.92 -6.87
C GLY A 230 10.95 -25.86 -5.91
N SER A 231 12.20 -26.07 -5.48
CA SER A 231 12.83 -25.11 -4.49
C SER A 231 13.35 -23.78 -5.10
N VAL A 232 13.18 -22.67 -4.35
CA VAL A 232 13.81 -21.29 -4.70
C VAL A 232 15.21 -21.10 -4.17
N ASP A 233 15.81 -19.92 -4.44
CA ASP A 233 17.15 -19.63 -3.99
C ASP A 233 17.20 -19.16 -2.54
N ILE A 234 16.22 -18.32 -2.11
CA ILE A 234 16.27 -17.75 -0.74
C ILE A 234 14.90 -18.04 -0.10
N TYR A 235 14.85 -18.69 1.07
CA TYR A 235 13.53 -19.01 1.65
C TYR A 235 13.04 -17.77 2.47
N GLY A 236 11.79 -17.36 2.21
CA GLY A 236 11.23 -16.16 2.86
C GLY A 236 9.87 -16.59 3.52
N HIS A 237 9.54 -15.92 4.64
CA HIS A 237 8.20 -16.03 5.24
C HIS A 237 7.61 -14.70 5.70
N ASP A 238 6.37 -14.77 6.22
CA ASP A 238 5.55 -13.54 6.47
C ASP A 238 5.24 -13.40 7.96
N GLY A 239 4.68 -12.25 8.37
CA GLY A 239 4.18 -12.20 9.76
C GLY A 239 3.15 -11.10 9.93
N TYR A 240 1.96 -11.43 10.48
CA TYR A 240 0.96 -10.40 10.81
C TYR A 240 0.43 -10.70 12.20
N PRO A 241 1.26 -10.47 13.21
CA PRO A 241 0.93 -10.95 14.60
C PRO A 241 -0.27 -10.30 15.27
N LEU A 242 -0.73 -9.13 14.81
CA LEU A 242 -1.95 -8.50 15.44
C LEU A 242 -3.21 -8.83 14.66
N GLY A 243 -3.05 -9.55 13.53
CA GLY A 243 -4.21 -9.94 12.67
C GLY A 243 -4.82 -8.71 12.01
N PHE A 244 -6.05 -8.88 11.51
CA PHE A 244 -6.71 -7.87 10.66
C PHE A 244 -7.99 -7.17 11.12
N ASP A 245 -8.44 -7.50 12.35
CA ASP A 245 -9.60 -6.88 12.98
C ASP A 245 -9.11 -5.67 13.84
N CYS A 246 -9.47 -4.44 13.45
CA CYS A 246 -9.01 -3.21 14.12
C CYS A 246 -10.07 -2.71 15.16
N ALA A 247 -10.98 -3.61 15.65
CA ALA A 247 -12.02 -3.26 16.67
C ALA A 247 -11.52 -2.63 18.00
N HIS A 248 -10.36 -3.09 18.46
CA HIS A 248 -9.79 -2.69 19.78
C HIS A 248 -8.32 -2.27 19.62
N PRO A 249 -8.03 -1.01 19.17
CA PRO A 249 -6.66 -0.58 18.78
C PRO A 249 -5.66 -0.52 19.95
N SER A 250 -6.13 -0.47 21.19
CA SER A 250 -5.15 -0.52 22.30
C SER A 250 -4.85 -1.94 22.88
N ALA A 251 -5.55 -2.98 22.42
CA ALA A 251 -5.36 -4.39 22.92
C ALA A 251 -4.33 -5.17 22.14
N TRP A 252 -3.28 -5.60 22.82
CA TRP A 252 -2.30 -6.52 22.22
C TRP A 252 -2.48 -7.92 22.85
N PRO A 253 -2.74 -8.97 22.04
CA PRO A 253 -2.96 -10.32 22.68
C PRO A 253 -1.85 -10.95 23.58
N ASP A 254 -2.22 -11.67 24.66
CA ASP A 254 -1.20 -12.52 25.33
C ASP A 254 -0.51 -13.47 24.37
N ASN A 255 0.78 -13.71 24.51
CA ASN A 255 1.53 -14.54 23.52
C ASN A 255 1.53 -14.02 22.08
N GLY A 256 1.26 -12.75 21.87
CA GLY A 256 1.19 -12.29 20.47
C GLY A 256 2.53 -11.98 19.84
N LEU A 257 3.56 -11.83 20.65
CA LEU A 257 4.89 -11.49 20.09
C LEU A 257 5.62 -12.79 19.64
N PRO A 258 6.15 -12.86 18.39
CA PRO A 258 6.91 -14.09 18.00
C PRO A 258 8.22 -14.23 18.73
N THR A 259 8.48 -15.36 19.39
CA THR A 259 9.75 -15.51 20.10
C THR A 259 10.63 -16.65 19.59
N THR A 260 10.19 -17.37 18.55
CA THR A 260 10.95 -18.56 18.08
C THR A 260 11.57 -18.43 16.68
N TRP A 261 11.53 -17.22 16.05
CA TRP A 261 11.90 -17.16 14.62
C TRP A 261 13.39 -17.33 14.32
N ARG A 262 14.31 -16.92 15.23
CA ARG A 262 15.74 -17.21 15.03
C ARG A 262 15.93 -18.77 14.99
N GLN A 263 15.39 -19.52 15.97
CA GLN A 263 15.51 -20.99 15.95
C GLN A 263 14.80 -21.67 14.73
N ASP A 264 13.61 -21.22 14.39
CA ASP A 264 12.87 -21.76 13.22
C ASP A 264 13.72 -21.51 11.92
N HIS A 265 14.37 -20.36 11.81
CA HIS A 265 15.27 -20.04 10.65
C HIS A 265 16.47 -21.07 10.57
N LEU A 266 17.11 -21.32 11.72
CA LEU A 266 18.20 -22.30 11.78
C LEU A 266 17.71 -23.77 11.42
N ASN A 267 16.47 -24.11 11.78
CA ASN A 267 15.86 -25.44 11.51
C ASN A 267 15.48 -25.64 10.02
N ILE A 268 15.27 -24.57 9.26
CA ILE A 268 14.63 -24.66 7.92
C ILE A 268 15.59 -24.26 6.81
N SER A 269 16.31 -23.13 6.96
CA SER A 269 17.19 -22.67 5.83
C SER A 269 18.42 -21.87 6.34
N PRO A 270 19.30 -22.52 7.12
CA PRO A 270 20.45 -21.79 7.75
C PRO A 270 21.46 -21.22 6.73
N SER A 271 21.38 -21.67 5.49
CA SER A 271 22.34 -21.24 4.48
C SER A 271 22.02 -19.88 3.76
N THR A 272 20.84 -19.31 4.01
CA THR A 272 20.39 -18.07 3.32
C THR A 272 19.94 -16.99 4.37
N PRO A 273 19.91 -15.69 3.96
CA PRO A 273 19.68 -14.56 4.89
C PRO A 273 18.28 -14.69 5.53
N PHE A 274 18.18 -14.41 6.84
CA PHE A 274 16.86 -14.40 7.44
C PHE A 274 15.94 -13.31 6.83
N SER A 275 14.85 -13.76 6.16
CA SER A 275 14.02 -12.89 5.32
C SER A 275 12.54 -12.83 5.69
N LEU A 276 12.01 -11.63 5.95
CA LEU A 276 10.55 -11.38 6.16
C LEU A 276 10.12 -10.57 4.92
N VAL A 277 9.50 -11.30 3.99
CA VAL A 277 9.12 -10.81 2.68
C VAL A 277 7.86 -10.00 2.78
N GLU A 278 7.03 -10.24 3.81
CA GLU A 278 5.84 -9.35 4.09
C GLU A 278 5.73 -9.33 5.60
N PHE A 279 5.95 -8.14 6.19
CA PHE A 279 5.70 -7.99 7.66
C PHE A 279 4.71 -6.79 7.86
N GLN A 280 3.84 -6.95 8.85
CA GLN A 280 2.66 -6.04 9.08
C GLN A 280 3.07 -4.51 9.15
N GLY A 281 2.53 -3.71 8.21
CA GLY A 281 2.61 -2.22 8.17
C GLY A 281 1.23 -1.55 8.30
N GLY A 282 0.14 -2.34 8.49
CA GLY A 282 -1.21 -1.81 8.73
C GLY A 282 -2.19 -2.99 8.69
N ALA A 283 -3.42 -2.77 8.21
CA ALA A 283 -4.38 -3.89 7.95
C ALA A 283 -5.36 -3.53 6.85
N PHE A 284 -5.98 -4.56 6.23
CA PHE A 284 -7.05 -4.32 5.24
C PHE A 284 -8.32 -4.08 6.10
N ASP A 285 -9.40 -3.65 5.50
CA ASP A 285 -10.68 -3.34 6.32
C ASP A 285 -11.88 -3.72 5.36
N PRO A 286 -12.89 -4.48 5.86
CA PRO A 286 -13.99 -4.94 5.00
C PRO A 286 -15.13 -3.88 4.90
N PHE A 287 -16.02 -4.04 3.91
CA PHE A 287 -17.36 -3.32 4.02
C PHE A 287 -17.89 -3.54 5.48
N GLY A 288 -18.49 -2.48 6.05
CA GLY A 288 -19.00 -2.58 7.49
C GLY A 288 -17.88 -2.55 8.51
N GLY A 289 -16.63 -2.26 8.08
CA GLY A 289 -15.43 -2.28 9.06
C GLY A 289 -15.24 -1.02 9.87
N TRP A 290 -14.02 -0.83 10.42
CA TRP A 290 -13.76 0.22 11.41
C TRP A 290 -13.20 1.56 10.87
N GLY A 291 -12.79 1.57 9.59
CA GLY A 291 -12.09 2.73 8.95
C GLY A 291 -10.56 2.67 9.12
N PHE A 292 -9.79 3.23 8.18
CA PHE A 292 -8.32 3.12 8.23
C PHE A 292 -7.66 4.04 9.29
N GLU A 293 -8.41 5.03 9.81
CA GLU A 293 -7.88 5.85 10.97
C GLU A 293 -7.73 4.96 12.16
N GLN A 294 -8.75 4.13 12.44
CA GLN A 294 -8.66 3.14 13.54
C GLN A 294 -7.55 2.03 13.27
N CYS A 295 -7.39 1.58 12.01
CA CYS A 295 -6.30 0.64 11.67
C CYS A 295 -4.92 1.27 11.93
N SER A 296 -4.77 2.59 11.59
CA SER A 296 -3.49 3.30 11.87
C SER A 296 -3.18 3.48 13.39
N ALA A 297 -4.22 3.47 14.25
CA ALA A 297 -4.07 3.58 15.71
C ALA A 297 -3.66 2.22 16.33
N LEU A 298 -4.06 1.12 15.71
CA LEU A 298 -3.65 -0.22 16.15
C LEU A 298 -2.18 -0.46 15.70
N VAL A 299 -1.87 -0.19 14.42
CA VAL A 299 -0.53 -0.45 13.89
C VAL A 299 0.24 0.91 13.87
N ASN A 300 0.51 1.43 15.08
CA ASN A 300 1.07 2.85 15.30
C ASN A 300 2.55 2.89 15.57
N HIS A 301 3.05 4.05 16.00
CA HIS A 301 4.50 4.21 16.23
C HIS A 301 4.98 3.30 17.34
N GLU A 302 4.15 3.04 18.35
CA GLU A 302 4.47 2.05 19.45
C GLU A 302 4.54 0.59 18.98
N PHE A 303 3.59 0.18 18.12
CA PHE A 303 3.73 -1.08 17.38
C PHE A 303 5.09 -1.18 16.65
N GLU A 304 5.46 -0.13 15.86
CA GLU A 304 6.74 -0.17 15.14
C GLU A 304 7.93 -0.36 16.05
N ARG A 305 8.00 0.41 17.12
CA ARG A 305 9.25 0.33 17.91
C ARG A 305 9.36 -1.02 18.68
N VAL A 306 8.23 -1.56 19.20
CA VAL A 306 8.25 -2.91 19.84
C VAL A 306 8.45 -4.09 18.88
N PHE A 307 7.54 -4.22 17.87
CA PHE A 307 7.62 -5.39 16.95
C PHE A 307 8.81 -5.34 15.91
N TYR A 308 9.15 -4.14 15.40
CA TYR A 308 10.22 -4.09 14.42
C TYR A 308 11.58 -4.30 15.05
N LYS A 309 11.83 -3.70 16.24
CA LYS A 309 13.08 -4.00 16.94
C LYS A 309 13.14 -5.52 17.38
N ASN A 310 11.98 -6.16 17.63
CA ASN A 310 11.91 -7.65 17.85
C ASN A 310 12.36 -8.51 16.66
N ASN A 311 12.17 -8.00 15.40
CA ASN A 311 12.72 -8.65 14.21
C ASN A 311 14.24 -8.45 14.06
N MET A 312 14.74 -7.26 14.47
CA MET A 312 16.17 -7.01 14.57
C MET A 312 16.75 -7.91 15.66
N ALA A 313 16.00 -8.21 16.75
CA ALA A 313 16.60 -9.10 17.74
C ALA A 313 16.83 -10.56 17.20
N ALA A 314 16.08 -10.97 16.13
CA ALA A 314 16.29 -12.24 15.41
C ALA A 314 17.26 -12.18 14.20
N GLY A 315 17.80 -10.99 13.92
CA GLY A 315 18.83 -10.82 12.89
C GLY A 315 18.24 -10.72 11.52
N VAL A 316 17.03 -10.21 11.41
CA VAL A 316 16.53 -9.99 9.96
C VAL A 316 17.48 -9.07 9.06
N THR A 317 17.68 -9.47 7.81
CA THR A 317 18.47 -8.63 6.89
C THR A 317 17.86 -8.46 5.53
N ILE A 318 16.71 -9.11 5.29
CA ILE A 318 15.86 -8.70 4.11
C ILE A 318 14.45 -8.46 4.73
N PHE A 319 13.97 -7.22 4.72
CA PHE A 319 12.79 -6.88 5.57
C PHE A 319 11.85 -5.91 4.79
N ASN A 320 10.65 -6.39 4.42
CA ASN A 320 9.75 -5.56 3.61
C ASN A 320 8.45 -5.28 4.37
N ILE A 321 8.05 -4.00 4.39
CA ILE A 321 6.87 -3.50 5.15
C ILE A 321 5.61 -3.45 4.21
N TYR A 322 4.62 -4.37 4.47
CA TYR A 322 3.38 -4.49 3.62
C TYR A 322 2.18 -3.83 4.37
N MET A 323 1.55 -2.72 3.94
CA MET A 323 1.89 -1.75 2.79
C MET A 323 2.78 -0.58 3.38
N THR A 324 3.57 0.12 2.55
CA THR A 324 4.21 1.42 2.93
C THR A 324 3.39 2.57 2.30
N PHE A 325 2.97 2.44 1.01
CA PHE A 325 1.99 3.34 0.46
C PHE A 325 0.93 2.42 -0.23
N GLY A 326 -0.34 2.61 0.11
CA GLY A 326 -1.40 1.68 -0.41
C GLY A 326 -2.11 2.19 -1.62
N GLY A 327 -2.48 3.48 -1.67
CA GLY A 327 -3.12 4.00 -2.94
C GLY A 327 -4.62 3.60 -2.93
N THR A 328 -5.24 3.44 -4.09
CA THR A 328 -6.70 3.36 -4.14
C THR A 328 -7.20 2.20 -5.08
N ASN A 329 -8.29 1.50 -4.70
CA ASN A 329 -8.88 0.44 -5.59
C ASN A 329 -9.84 1.12 -6.63
N TRP A 330 -9.27 1.92 -7.53
CA TRP A 330 -10.09 2.62 -8.56
C TRP A 330 -10.62 1.59 -9.58
N GLY A 331 -11.69 1.94 -10.27
CA GLY A 331 -12.05 1.18 -11.55
C GLY A 331 -12.41 -0.30 -11.27
N ASN A 332 -13.07 -0.60 -10.13
CA ASN A 332 -13.47 -1.98 -9.75
C ASN A 332 -12.31 -2.98 -9.57
N LEU A 333 -11.06 -2.51 -9.37
CA LEU A 333 -10.00 -3.48 -9.40
C LEU A 333 -9.96 -4.35 -8.06
N GLY A 334 -10.67 -3.92 -7.01
CA GLY A 334 -10.65 -4.62 -5.63
C GLY A 334 -11.51 -5.89 -5.48
N HIS A 335 -11.28 -6.71 -4.42
CA HIS A 335 -12.12 -7.92 -4.15
C HIS A 335 -13.36 -7.55 -3.20
N PRO A 336 -14.36 -8.43 -3.04
CA PRO A 336 -15.61 -8.14 -2.16
C PRO A 336 -15.25 -7.99 -0.70
N GLY A 337 -14.11 -8.55 -0.29
CA GLY A 337 -13.72 -8.42 1.12
C GLY A 337 -13.11 -7.05 1.58
N GLY A 338 -12.97 -6.08 0.66
CA GLY A 338 -12.60 -4.66 0.94
C GLY A 338 -13.51 -3.66 0.14
N TYR A 339 -13.22 -2.33 0.23
CA TYR A 339 -14.09 -1.29 -0.43
C TYR A 339 -13.13 -0.38 -1.27
N THR A 340 -13.49 0.90 -1.55
CA THR A 340 -12.68 1.63 -2.55
C THR A 340 -11.26 2.00 -2.05
N SER A 341 -11.15 2.49 -0.80
CA SER A 341 -9.85 2.96 -0.27
C SER A 341 -8.91 1.74 0.00
N TYR A 342 -7.64 1.91 -0.33
CA TYR A 342 -6.62 0.95 0.17
C TYR A 342 -5.54 1.76 1.01
N ASP A 343 -5.97 2.74 1.81
CA ASP A 343 -5.03 3.51 2.72
C ASP A 343 -4.21 2.56 3.65
N TYR A 344 -4.84 1.42 4.06
CA TYR A 344 -4.21 0.37 4.86
C TYR A 344 -3.76 0.82 6.29
N GLY A 345 -4.01 2.11 6.65
CA GLY A 345 -3.41 2.68 7.93
C GLY A 345 -1.90 2.78 7.82
N ALA A 346 -1.38 2.91 6.56
CA ALA A 346 0.10 2.77 6.30
C ALA A 346 0.85 4.08 6.71
N SER A 347 2.16 3.96 6.76
CA SER A 347 2.99 5.16 7.05
C SER A 347 2.88 6.37 6.12
N ILE A 348 2.73 6.10 4.82
CA ILE A 348 2.40 7.16 3.82
C ILE A 348 0.90 7.05 3.49
N ARG A 349 0.09 8.11 3.67
CA ARG A 349 -1.38 8.01 3.46
C ARG A 349 -1.76 7.88 1.96
N GLU A 350 -3.05 7.58 1.72
CA GLU A 350 -3.59 7.35 0.40
C GLU A 350 -3.35 8.62 -0.48
N ASP A 351 -3.36 9.78 0.18
CA ASP A 351 -3.13 11.12 -0.51
C ASP A 351 -1.67 11.62 -0.55
N ARG A 352 -0.77 10.73 -0.12
CA ARG A 352 0.68 10.85 -0.14
C ARG A 352 1.28 11.75 1.00
N ARG A 353 0.46 12.19 1.99
CA ARG A 353 0.97 13.04 3.13
C ARG A 353 1.77 12.09 4.12
N ILE A 354 2.77 12.70 4.76
CA ILE A 354 3.70 11.99 5.61
C ILE A 354 3.67 12.68 7.01
N ASP A 355 2.47 13.03 7.49
CA ASP A 355 2.38 13.65 8.81
C ASP A 355 2.18 12.62 9.94
N ARG A 356 1.83 11.36 9.64
CA ARG A 356 1.55 10.40 10.83
C ARG A 356 2.78 10.15 11.63
N GLU A 357 2.68 9.97 12.96
CA GLU A 357 3.89 9.82 13.80
C GLU A 357 4.65 8.55 13.43
N LYS A 358 3.91 7.47 13.03
CA LYS A 358 4.64 6.24 12.57
C LYS A 358 5.59 6.45 11.39
N TYR A 359 5.38 7.44 10.49
CA TYR A 359 6.34 7.74 9.39
C TYR A 359 7.69 8.22 10.05
N SER A 360 7.62 9.20 10.99
CA SER A 360 8.83 9.81 11.65
C SER A 360 9.59 8.75 12.48
N GLU A 361 8.85 7.89 13.20
CA GLU A 361 9.52 6.73 13.94
C GLU A 361 10.22 5.71 12.99
N LEU A 362 9.56 5.36 11.87
CA LEU A 362 10.16 4.43 10.89
C LEU A 362 11.48 5.03 10.30
N LYS A 363 11.53 6.36 10.07
CA LYS A 363 12.80 7.08 9.63
C LYS A 363 13.95 6.90 10.61
N LEU A 364 13.64 6.93 11.91
CA LEU A 364 14.68 6.75 12.90
C LEU A 364 15.35 5.36 12.73
N GLN A 365 14.52 4.32 12.48
CA GLN A 365 15.04 2.94 12.34
C GLN A 365 15.82 2.75 11.04
N GLY A 366 15.25 3.28 9.93
CA GLY A 366 15.93 3.20 8.60
C GLY A 366 17.29 3.92 8.58
N GLN A 367 17.37 5.16 9.14
CA GLN A 367 18.70 5.87 9.16
C GLN A 367 19.68 5.22 10.10
N PHE A 368 19.26 4.67 11.26
CA PHE A 368 20.19 3.90 12.12
C PHE A 368 20.77 2.67 11.34
N LEU A 369 19.95 1.83 10.67
CA LEU A 369 20.48 0.57 10.10
C LEU A 369 21.49 0.82 8.99
N LYS A 370 21.22 1.83 8.13
CA LYS A 370 22.11 2.03 7.00
C LYS A 370 23.53 2.65 7.31
N VAL A 371 23.77 3.07 8.58
CA VAL A 371 25.11 3.45 9.08
C VAL A 371 25.81 2.42 10.02
N SER A 372 25.24 1.19 10.09
CA SER A 372 25.57 0.20 11.16
C SER A 372 25.94 -1.21 10.58
N PRO A 373 27.03 -1.29 9.75
CA PRO A 373 27.43 -2.59 9.10
C PRO A 373 27.74 -3.72 10.09
N GLY A 374 28.17 -3.38 11.31
CA GLY A 374 28.36 -4.39 12.37
C GLY A 374 27.13 -5.21 12.74
N TYR A 375 25.92 -4.64 12.58
CA TYR A 375 24.70 -5.41 12.80
C TYR A 375 24.60 -6.71 11.94
N ILE A 376 25.04 -6.65 10.67
CA ILE A 376 24.86 -7.77 9.78
C ILE A 376 25.64 -9.01 10.21
N THR A 377 26.83 -8.77 10.77
CA THR A 377 27.69 -9.90 11.08
C THR A 377 27.66 -10.34 12.55
N ALA A 378 26.90 -9.67 13.43
CA ALA A 378 26.73 -10.14 14.82
C ALA A 378 25.77 -11.37 14.84
N THR A 379 25.94 -12.27 15.81
CA THR A 379 25.15 -13.52 15.83
C THR A 379 24.05 -13.41 16.87
N PRO A 380 22.76 -13.52 16.46
CA PRO A 380 21.66 -13.45 17.45
C PRO A 380 21.61 -14.69 18.37
N GLU A 381 21.30 -14.53 19.63
CA GLU A 381 21.20 -15.67 20.59
C GLU A 381 19.85 -15.66 21.22
N ASN A 382 19.51 -16.69 22.00
CA ASN A 382 18.21 -16.75 22.68
C ASN A 382 17.97 -15.53 23.62
N ALA A 383 16.71 -15.10 23.73
CA ALA A 383 16.27 -14.09 24.70
C ALA A 383 16.55 -14.50 26.19
N THR A 384 16.89 -13.51 27.04
CA THR A 384 17.24 -13.77 28.49
C THR A 384 16.47 -12.93 29.50
N GLN A 385 16.42 -13.34 30.79
CA GLN A 385 15.73 -12.56 31.75
C GLN A 385 16.55 -12.65 33.01
N GLY A 386 17.02 -11.49 33.53
CA GLY A 386 17.95 -11.44 34.69
C GLY A 386 19.42 -11.87 34.54
N VAL A 387 19.91 -11.80 33.30
CA VAL A 387 21.30 -12.15 32.88
C VAL A 387 22.14 -10.86 32.54
N TYR A 388 21.63 -10.07 31.57
CA TYR A 388 22.21 -8.76 31.24
C TYR A 388 21.62 -7.58 32.06
N SER A 389 20.76 -7.85 33.09
CA SER A 389 20.32 -6.80 34.06
C SER A 389 19.98 -7.49 35.37
N ASP A 390 20.20 -6.84 36.52
CA ASP A 390 19.69 -7.41 37.80
C ASP A 390 18.15 -7.53 37.76
N SER A 391 17.47 -6.53 37.19
CA SER A 391 16.02 -6.54 37.08
C SER A 391 15.46 -7.74 36.30
N GLN A 392 14.41 -8.38 36.84
CA GLN A 392 13.67 -9.41 36.09
C GLN A 392 12.39 -8.88 35.42
N ASN A 393 12.17 -7.56 35.43
CA ASN A 393 10.93 -6.97 34.83
C ASN A 393 11.18 -6.60 33.39
N ILE A 394 12.39 -6.84 32.94
CA ILE A 394 12.71 -6.62 31.47
C ILE A 394 13.33 -7.87 30.84
N VAL A 395 13.25 -8.02 29.50
CA VAL A 395 13.88 -9.08 28.75
C VAL A 395 14.87 -8.47 27.74
N ILE A 396 16.02 -9.12 27.58
CA ILE A 396 17.14 -8.58 26.73
C ILE A 396 17.62 -9.69 25.80
N THR A 397 17.68 -9.40 24.49
CA THR A 397 18.17 -10.36 23.53
C THR A 397 19.46 -9.84 22.96
N PRO A 398 20.52 -10.60 23.11
CA PRO A 398 21.86 -10.17 22.66
C PRO A 398 22.23 -10.64 21.24
N LEU A 399 22.93 -9.77 20.49
CA LEU A 399 23.61 -10.07 19.21
C LEU A 399 25.09 -9.81 19.43
N LEU A 400 25.88 -10.90 19.39
CA LEU A 400 27.29 -10.86 19.81
C LEU A 400 28.30 -11.11 18.67
N ALA A 401 29.48 -10.46 18.78
CA ALA A 401 30.60 -10.63 17.86
C ALA A 401 31.94 -10.48 18.61
N LYS A 402 33.04 -11.08 18.10
CA LYS A 402 34.28 -10.96 18.84
C LYS A 402 34.82 -9.53 18.99
N GLU A 403 34.89 -8.76 17.88
CA GLU A 403 35.48 -7.38 17.94
C GLU A 403 34.69 -6.24 17.23
N SER A 404 33.75 -6.59 16.37
CA SER A 404 33.15 -5.60 15.49
C SER A 404 31.95 -4.87 16.09
N GLY A 405 31.59 -5.19 17.36
CA GLY A 405 30.47 -4.56 18.12
C GLY A 405 29.28 -5.43 18.44
N ASP A 406 28.69 -5.28 19.67
CA ASP A 406 27.50 -6.01 20.06
C ASP A 406 26.27 -5.07 20.08
N PHE A 407 25.08 -5.66 19.93
CA PHE A 407 23.82 -4.91 20.07
C PHE A 407 22.94 -5.62 21.10
N PHE A 408 22.06 -4.88 21.83
CA PHE A 408 21.19 -5.53 22.87
C PHE A 408 19.78 -4.94 22.77
N VAL A 409 18.75 -5.78 22.49
CA VAL A 409 17.40 -5.25 22.32
C VAL A 409 16.67 -5.46 23.65
N VAL A 410 16.23 -4.35 24.24
CA VAL A 410 15.57 -4.30 25.59
C VAL A 410 14.08 -4.10 25.41
N ARG A 411 13.25 -4.94 26.08
CA ARG A 411 11.77 -4.74 26.12
C ARG A 411 11.19 -5.08 27.53
N HIS A 412 9.92 -4.71 27.76
CA HIS A 412 9.24 -5.18 29.03
C HIS A 412 9.03 -6.74 29.01
N ALA A 413 9.11 -7.43 30.19
CA ALA A 413 8.94 -8.89 30.24
C ALA A 413 7.56 -9.35 29.76
N ASN A 414 6.55 -8.54 30.11
CA ASN A 414 5.23 -8.68 29.46
C ASN A 414 5.25 -7.70 28.32
N TYR A 415 5.30 -8.17 27.07
CA TYR A 415 5.67 -7.29 25.90
C TYR A 415 4.65 -6.16 25.66
N SER A 416 3.42 -6.39 26.14
CA SER A 416 2.21 -5.53 26.05
C SER A 416 2.20 -4.42 27.11
N SER A 417 3.11 -4.47 28.10
CA SER A 417 3.04 -3.55 29.29
C SER A 417 3.05 -2.05 28.96
N THR A 418 2.10 -1.29 29.58
CA THR A 418 2.12 0.19 29.49
C THR A 418 2.77 0.84 30.74
N ASP A 419 3.35 0.02 31.63
CA ASP A 419 4.05 0.59 32.82
C ASP A 419 5.45 1.22 32.49
N THR A 420 6.02 2.02 33.42
CA THR A 420 7.41 2.55 33.34
C THR A 420 8.32 1.70 34.26
N ALA A 421 9.44 1.22 33.74
CA ALA A 421 10.37 0.46 34.54
C ALA A 421 11.67 1.20 34.73
N SER A 422 12.24 1.14 35.94
CA SER A 422 13.62 1.64 36.18
C SER A 422 14.56 0.44 36.21
N TYR A 423 15.74 0.60 35.61
CA TYR A 423 16.70 -0.48 35.45
C TYR A 423 18.15 0.02 35.24
N THR A 424 19.08 -0.90 35.41
CA THR A 424 20.48 -0.75 34.94
C THR A 424 20.86 -1.98 34.09
N VAL A 425 21.96 -1.90 33.32
CA VAL A 425 22.44 -3.05 32.50
C VAL A 425 23.84 -3.44 32.83
N LYS A 426 24.17 -4.70 32.60
CA LYS A 426 25.55 -5.22 32.76
C LYS A 426 25.98 -5.89 31.47
N LEU A 427 26.86 -5.20 30.72
CA LEU A 427 27.13 -5.48 29.32
C LEU A 427 28.62 -5.83 29.11
N PRO A 428 28.90 -6.81 28.21
CA PRO A 428 30.30 -7.07 27.78
C PRO A 428 30.87 -6.00 26.84
N THR A 429 32.11 -5.58 27.12
CA THR A 429 32.84 -4.58 26.30
C THR A 429 34.32 -4.99 26.12
N SER A 430 35.02 -4.32 25.21
CA SER A 430 36.45 -4.51 25.08
C SER A 430 37.19 -4.11 26.38
N ALA A 431 36.59 -3.34 27.25
CA ALA A 431 37.27 -3.03 28.54
C ALA A 431 36.75 -3.90 29.69
N GLY A 432 36.03 -4.99 29.37
CA GLY A 432 35.43 -5.91 30.40
C GLY A 432 33.92 -5.72 30.65
N ASP A 433 33.34 -6.51 31.55
CA ASP A 433 31.91 -6.36 31.90
C ASP A 433 31.62 -5.12 32.77
N LEU A 434 30.73 -4.20 32.34
CA LEU A 434 30.42 -2.97 33.11
C LEU A 434 28.97 -2.84 33.45
N THR A 435 28.65 -2.45 34.69
CA THR A 435 27.29 -2.03 35.06
C THR A 435 27.10 -0.50 34.72
N ILE A 436 26.13 -0.22 33.86
CA ILE A 436 25.92 1.11 33.36
C ILE A 436 24.53 1.57 33.80
N PRO A 437 24.39 2.88 34.22
CA PRO A 437 25.39 4.05 34.23
C PRO A 437 26.61 3.96 35.19
N GLN A 438 27.79 4.23 34.65
CA GLN A 438 28.99 4.25 35.48
C GLN A 438 29.13 5.49 36.41
N LEU A 439 28.42 6.60 36.13
CA LEU A 439 28.50 7.83 36.97
C LEU A 439 27.29 8.01 37.90
N GLY A 440 26.56 6.92 38.14
CA GLY A 440 25.39 6.90 39.01
C GLY A 440 24.07 7.15 38.31
N GLY A 441 22.99 6.81 38.98
CA GLY A 441 21.65 6.97 38.37
C GLY A 441 21.07 5.72 37.68
N SER A 442 19.83 5.86 37.20
CA SER A 442 19.01 4.71 36.66
C SER A 442 18.54 5.11 35.26
N LEU A 443 18.44 4.08 34.43
CA LEU A 443 17.83 4.19 33.04
C LEU A 443 16.31 4.04 33.20
N THR A 444 15.53 4.47 32.17
CA THR A 444 14.04 4.34 32.26
C THR A 444 13.46 3.75 30.96
N LEU A 445 12.55 2.78 31.06
CA LEU A 445 11.84 2.21 29.87
C LEU A 445 10.36 2.55 30.14
N THR A 446 9.84 3.44 29.29
CA THR A 446 8.47 3.88 29.48
C THR A 446 7.50 2.88 28.74
N GLY A 447 6.21 3.14 28.78
CA GLY A 447 5.23 2.09 28.31
C GLY A 447 5.30 1.84 26.78
N ARG A 448 5.13 0.58 26.37
CA ARG A 448 5.26 0.15 24.90
C ARG A 448 6.42 0.76 24.17
N ASP A 449 7.60 0.73 24.81
CA ASP A 449 8.85 1.15 24.13
C ASP A 449 9.83 -0.04 24.18
N SER A 450 10.75 0.02 23.26
CA SER A 450 11.90 -0.92 23.19
C SER A 450 13.16 -0.12 22.67
N LYS A 451 14.36 -0.46 23.17
CA LYS A 451 15.60 0.30 22.90
C LYS A 451 16.66 -0.68 22.41
N ILE A 452 17.55 -0.19 21.52
CA ILE A 452 18.82 -0.93 21.19
C ILE A 452 19.97 -0.20 21.89
N HIS A 453 20.72 -0.89 22.75
CA HIS A 453 21.94 -0.34 23.39
C HIS A 453 23.13 -0.98 22.64
N VAL A 454 24.26 -0.25 22.45
CA VAL A 454 25.44 -0.83 21.78
C VAL A 454 26.72 -0.83 22.66
N THR A 455 27.65 -1.72 22.34
CA THR A 455 29.05 -1.69 22.81
C THR A 455 30.04 -1.79 21.64
N ASP A 456 31.18 -1.09 21.74
CA ASP A 456 32.30 -1.11 20.70
C ASP A 456 31.79 -0.76 19.28
N TYR A 457 31.01 0.32 19.26
CA TYR A 457 30.31 0.74 18.02
C TYR A 457 31.24 1.74 17.28
N PRO A 458 31.67 1.44 16.02
CA PRO A 458 32.58 2.39 15.29
C PRO A 458 31.89 3.67 14.66
N VAL A 459 32.49 4.84 14.88
CA VAL A 459 31.96 6.12 14.37
C VAL A 459 33.14 6.75 13.56
N GLY A 460 33.26 6.32 12.30
CA GLY A 460 34.40 6.74 11.48
C GLY A 460 35.69 6.28 12.19
N LYS A 461 36.60 7.21 12.51
CA LYS A 461 37.85 6.87 13.23
C LYS A 461 37.72 6.81 14.76
N PHE A 462 36.57 7.23 15.27
CA PHE A 462 36.27 7.21 16.75
C PHE A 462 35.56 5.90 17.15
N THR A 463 35.56 5.55 18.46
CA THR A 463 34.83 4.35 18.92
C THR A 463 33.98 4.70 20.14
N LEU A 464 32.71 4.30 20.12
CA LEU A 464 31.87 4.38 21.34
C LEU A 464 32.05 3.10 22.11
N LEU A 465 32.80 3.18 23.22
CA LEU A 465 32.87 2.06 24.19
C LEU A 465 31.48 1.49 24.50
N TYR A 466 30.53 2.38 24.84
CA TYR A 466 29.09 1.95 24.95
C TYR A 466 28.24 3.20 24.77
N SER A 467 26.99 3.01 24.40
CA SER A 467 25.94 4.06 24.50
C SER A 467 24.58 3.42 24.92
N THR A 468 23.92 4.02 25.90
CA THR A 468 22.50 3.71 26.17
C THR A 468 21.55 4.48 25.23
N ALA A 469 21.90 5.71 24.88
CA ALA A 469 21.09 6.51 23.91
C ALA A 469 21.19 5.87 22.49
N GLU A 470 20.11 6.02 21.71
CA GLU A 470 20.03 5.40 20.38
C GLU A 470 20.64 6.30 19.32
N ILE A 471 21.22 5.67 18.29
CA ILE A 471 21.95 6.37 17.21
C ILE A 471 21.01 6.70 16.09
N PHE A 472 21.03 7.99 15.67
CA PHE A 472 20.18 8.47 14.49
C PHE A 472 21.01 8.37 13.22
N THR A 473 22.16 8.99 13.26
CA THR A 473 23.05 8.93 12.08
C THR A 473 24.47 9.35 12.51
N TRP A 474 25.45 9.14 11.61
CA TRP A 474 26.80 9.79 11.85
C TRP A 474 27.48 9.88 10.47
N ASN A 475 28.44 10.79 10.27
CA ASN A 475 29.30 10.81 9.07
C ASN A 475 30.61 11.57 9.31
N GLU A 476 31.66 11.24 8.52
CA GLU A 476 32.89 12.04 8.56
C GLU A 476 32.91 13.13 7.41
N PHE A 477 33.12 14.39 7.76
CA PHE A 477 33.14 15.55 6.83
C PHE A 477 34.53 16.18 6.74
N ALA A 478 34.68 17.25 5.93
CA ALA A 478 35.99 17.90 5.73
C ALA A 478 36.69 18.35 7.01
N GLU A 479 35.97 19.05 7.88
CA GLU A 479 36.63 19.53 9.08
C GLU A 479 36.21 18.92 10.43
N LYS A 480 35.28 17.95 10.42
CA LYS A 480 34.84 17.31 11.70
C LYS A 480 34.15 15.94 11.43
N THR A 481 33.91 15.12 12.48
CA THR A 481 33.04 13.95 12.35
C THR A 481 31.83 14.30 13.23
N VAL A 482 30.62 14.00 12.74
CA VAL A 482 29.37 14.37 13.43
C VAL A 482 28.62 13.13 13.88
N LEU A 483 28.18 13.07 15.15
CA LEU A 483 27.35 11.92 15.63
C LEU A 483 26.01 12.56 16.24
N VAL A 484 24.82 11.99 15.97
CA VAL A 484 23.51 12.53 16.47
C VAL A 484 22.89 11.38 17.33
N LEU A 485 22.74 11.61 18.64
CA LEU A 485 22.14 10.64 19.59
C LEU A 485 20.79 11.13 20.13
N TYR A 486 19.87 10.21 20.50
CA TYR A 486 18.58 10.65 21.03
C TYR A 486 18.04 9.76 22.15
N GLY A 487 17.15 10.35 22.94
CA GLY A 487 16.44 9.63 24.04
C GLY A 487 15.03 10.18 24.14
N GLY A 488 14.09 9.39 24.66
CA GLY A 488 12.73 10.01 25.02
C GLY A 488 12.88 11.09 26.15
N ALA A 489 12.01 12.08 26.14
CA ALA A 489 12.09 13.20 27.10
C ALA A 489 12.09 12.70 28.56
N GLN A 490 12.92 13.36 29.36
CA GLN A 490 13.20 13.00 30.80
C GLN A 490 13.94 11.65 31.10
N GLU A 491 14.42 11.01 30.03
CA GLU A 491 15.27 9.78 30.20
C GLU A 491 16.74 10.17 30.48
N LEU A 492 17.34 9.55 31.53
CA LEU A 492 18.80 9.69 31.72
C LEU A 492 19.57 8.72 30.85
N HIS A 493 20.59 9.23 30.11
CA HIS A 493 21.43 8.44 29.23
C HIS A 493 22.92 8.67 29.47
N GLU A 494 23.74 7.65 29.17
CA GLU A 494 25.18 7.76 29.33
C GLU A 494 25.88 7.09 28.11
N PHE A 495 27.00 7.65 27.70
CA PHE A 495 27.89 7.06 26.70
C PHE A 495 29.34 7.39 26.99
N ALA A 496 30.22 6.58 26.41
CA ALA A 496 31.68 6.73 26.65
C ALA A 496 32.45 6.64 25.33
N VAL A 497 33.47 7.49 25.13
CA VAL A 497 34.20 7.55 23.85
C VAL A 497 35.64 7.17 24.19
N LYS A 498 36.23 6.22 23.47
CA LYS A 498 37.68 5.94 23.70
C LYS A 498 38.54 7.18 23.29
N ASN A 499 39.68 7.41 23.99
CA ASN A 499 40.54 8.60 23.87
C ASN A 499 40.41 9.35 22.52
N PRO A 500 39.66 10.49 22.49
CA PRO A 500 39.41 11.22 21.20
C PRO A 500 40.48 12.29 20.84
N PHE A 501 41.54 12.40 21.63
CA PHE A 501 42.47 13.57 21.57
C PHE A 501 43.78 13.20 20.88
N GLY A 502 43.89 11.92 20.53
CA GLY A 502 45.08 11.39 19.90
C GLY A 502 46.28 11.68 20.77
N SER A 503 47.24 12.39 20.20
CA SER A 503 48.56 12.53 20.79
C SER A 503 48.61 13.54 21.96
N SER A 504 47.92 14.66 21.80
CA SER A 504 47.96 15.81 22.71
C SER A 504 47.51 15.50 24.13
N LYS A 505 48.39 15.73 25.10
CA LYS A 505 48.04 15.61 26.52
C LYS A 505 47.64 17.00 27.06
N THR A 506 47.39 17.92 26.13
CA THR A 506 46.78 19.22 26.43
C THR A 506 45.25 19.21 26.27
N ALA A 507 44.78 18.90 25.04
CA ALA A 507 43.36 19.01 24.66
C ALA A 507 42.32 18.57 25.69
N LYS A 508 41.13 19.20 25.61
CA LYS A 508 40.04 18.92 26.57
C LYS A 508 38.67 19.12 25.95
N ALA A 509 37.66 18.50 26.57
CA ALA A 509 36.31 18.63 26.08
C ALA A 509 35.91 20.12 26.07
N LYS A 510 34.99 20.49 25.18
CA LYS A 510 34.45 21.85 25.13
C LYS A 510 32.92 21.79 25.01
N LYS A 511 32.23 22.42 25.98
CA LYS A 511 30.77 22.43 25.97
C LYS A 511 30.33 23.60 25.08
N ILE A 512 29.60 23.33 24.00
CA ILE A 512 29.23 24.36 23.03
C ILE A 512 27.79 24.88 23.29
N GLU A 513 26.87 23.96 23.62
CA GLU A 513 25.44 24.32 23.80
C GLU A 513 24.90 23.50 24.99
N GLY A 514 23.99 24.09 25.80
CA GLY A 514 23.35 23.35 26.91
C GLY A 514 23.92 23.48 28.31
N SER A 515 23.10 23.26 29.30
CA SER A 515 23.55 23.33 30.72
C SER A 515 23.22 22.10 31.55
N ASN A 516 22.81 21.00 30.92
CA ASN A 516 22.57 19.72 31.64
C ASN A 516 23.67 18.63 31.53
N VAL A 517 24.41 18.62 30.43
CA VAL A 517 25.43 17.59 30.21
C VAL A 517 26.61 17.73 31.19
N THR A 518 27.05 16.58 31.71
CA THR A 518 28.26 16.48 32.53
C THR A 518 29.29 15.57 31.85
N ILE A 519 30.57 15.90 32.06
CA ILE A 519 31.67 15.25 31.37
C ILE A 519 32.65 14.85 32.46
N HIS A 520 33.07 13.59 32.46
CA HIS A 520 34.14 13.08 33.30
C HIS A 520 35.18 12.33 32.47
N THR A 521 36.45 12.60 32.71
CA THR A 521 37.50 11.95 31.99
C THR A 521 38.27 11.00 32.96
N THR A 522 38.51 9.76 32.54
CA THR A 522 39.37 8.83 33.32
C THR A 522 40.86 9.09 33.01
N SER A 523 41.79 8.55 33.81
CA SER A 523 43.24 8.69 33.50
C SER A 523 43.71 8.13 32.13
N ASN A 524 43.12 7.03 31.62
CA ASN A 524 43.46 6.63 30.22
C ASN A 524 42.69 7.39 29.14
N LEU A 525 42.10 8.51 29.54
CA LEU A 525 41.44 9.47 28.67
C LEU A 525 40.17 8.91 27.96
N THR A 526 39.51 7.90 28.57
CA THR A 526 38.09 7.62 28.18
C THR A 526 37.25 8.80 28.66
N VAL A 527 36.41 9.36 27.77
CA VAL A 527 35.53 10.45 28.17
C VAL A 527 34.10 9.92 28.39
N VAL A 528 33.56 10.12 29.58
CA VAL A 528 32.19 9.65 29.93
C VAL A 528 31.21 10.87 30.09
N LEU A 529 30.11 10.80 29.34
CA LEU A 529 29.11 11.92 29.29
C LEU A 529 27.73 11.43 29.71
N GLN A 530 27.06 12.19 30.59
CA GLN A 530 25.73 11.83 31.04
C GLN A 530 24.84 13.05 30.71
N TRP A 531 23.60 12.80 30.30
CA TRP A 531 22.68 13.87 30.01
C TRP A 531 21.24 13.35 30.18
N THR A 532 20.31 14.27 30.42
CA THR A 532 18.89 14.01 30.50
C THR A 532 18.22 14.68 29.29
N ALA A 533 17.57 13.85 28.45
CA ALA A 533 17.03 14.34 27.16
C ALA A 533 15.83 15.30 27.43
N SER A 534 15.71 16.32 26.56
CA SER A 534 14.67 17.36 26.59
C SER A 534 14.65 18.14 25.25
N SER A 535 13.72 19.13 25.14
CA SER A 535 13.65 20.13 24.09
C SER A 535 14.90 20.92 23.82
N ALA A 536 15.73 21.05 24.84
CA ALA A 536 16.98 21.84 24.69
C ALA A 536 18.16 20.94 24.28
N ARG A 537 18.66 21.18 23.06
CA ARG A 537 19.77 20.35 22.52
C ARG A 537 21.07 20.61 23.34
N GLN A 538 21.83 19.55 23.65
CA GLN A 538 23.19 19.69 24.15
C GLN A 538 24.20 19.38 23.03
N VAL A 539 25.32 20.12 23.00
CA VAL A 539 26.39 19.87 22.03
C VAL A 539 27.74 19.93 22.70
N VAL A 540 28.56 18.92 22.44
CA VAL A 540 29.90 18.90 23.01
C VAL A 540 30.89 18.58 21.89
N GLN A 541 32.09 19.23 21.93
CA GLN A 541 33.17 19.00 20.97
C GLN A 541 34.30 18.26 21.69
N LEU A 542 34.69 17.08 21.20
CA LEU A 542 35.87 16.36 21.69
C LEU A 542 36.92 16.27 20.56
N GLY A 543 37.88 17.18 20.51
CA GLY A 543 38.83 17.16 19.37
C GLY A 543 38.09 17.53 18.09
N SER A 544 38.15 16.67 17.06
CA SER A 544 37.36 16.90 15.85
C SER A 544 36.01 16.12 15.81
N LEU A 545 35.66 15.40 16.90
CA LEU A 545 34.34 14.78 17.01
C LEU A 545 33.33 15.78 17.65
N VAL A 546 32.20 16.02 16.99
CA VAL A 546 31.10 16.85 17.56
C VAL A 546 29.83 15.97 17.79
N ILE A 547 29.29 15.96 19.02
CA ILE A 547 28.15 15.09 19.34
C ILE A 547 26.96 16.00 19.60
N TYR A 548 25.86 15.79 18.86
CA TYR A 548 24.56 16.48 19.06
C TYR A 548 23.56 15.54 19.81
N MET A 549 23.10 15.95 21.01
CA MET A 549 22.28 15.14 21.95
C MET A 549 20.88 15.76 21.99
N VAL A 550 19.89 15.10 21.41
CA VAL A 550 18.52 15.69 21.27
C VAL A 550 17.45 14.72 21.85
N ASP A 551 16.22 15.22 22.02
CA ASP A 551 15.16 14.28 22.37
C ASP A 551 14.49 13.62 21.12
N ARG A 552 13.72 12.56 21.37
CA ARG A 552 13.09 11.81 20.22
C ARG A 552 12.28 12.76 19.28
N ASN A 553 11.46 13.61 19.89
CA ASN A 553 10.63 14.53 19.11
C ASN A 553 11.41 15.53 18.25
N SER A 554 12.59 15.98 18.71
CA SER A 554 13.46 16.82 17.82
C SER A 554 14.10 15.97 16.68
N ALA A 555 14.55 14.74 17.02
CA ALA A 555 15.13 13.79 16.01
C ALA A 555 14.13 13.48 14.87
N TYR A 556 12.81 13.51 15.17
CA TYR A 556 11.78 13.32 14.09
C TYR A 556 11.94 14.32 12.90
N ASN A 557 12.49 15.51 13.15
CA ASN A 557 12.69 16.60 12.08
C ASN A 557 14.11 16.71 11.46
N TYR A 558 14.96 15.69 11.73
CA TYR A 558 16.26 15.56 11.01
C TYR A 558 16.19 14.66 9.77
N TRP A 559 17.04 14.96 8.74
CA TRP A 559 17.00 14.32 7.41
C TRP A 559 18.45 14.08 6.97
N VAL A 560 18.67 13.07 6.14
CA VAL A 560 20.02 12.64 5.75
C VAL A 560 19.98 12.36 4.19
N PRO A 561 19.73 13.42 3.37
CA PRO A 561 19.88 13.19 1.88
C PRO A 561 21.31 12.83 1.42
N THR A 562 21.41 12.02 0.34
CA THR A 562 22.68 11.50 -0.10
C THR A 562 23.20 12.37 -1.26
N LEU A 563 24.52 12.58 -1.29
CA LEU A 563 25.13 13.35 -2.40
C LEU A 563 25.29 12.46 -3.71
N PRO A 564 24.81 12.98 -4.88
CA PRO A 564 24.87 12.18 -6.12
C PRO A 564 26.29 11.80 -6.57
N GLY A 565 26.39 10.71 -7.34
CA GLY A 565 27.62 10.26 -8.01
C GLY A 565 27.53 10.83 -9.45
N SER A 566 28.05 10.09 -10.42
CA SER A 566 27.83 10.45 -11.84
C SER A 566 27.26 9.35 -12.77
N GLY A 567 26.84 9.74 -13.98
CA GLY A 567 26.34 8.74 -14.95
C GLY A 567 24.87 8.35 -14.71
N LYS A 568 24.37 7.36 -15.47
CA LYS A 568 22.99 6.90 -15.37
C LYS A 568 22.61 6.54 -13.87
N GLN A 569 23.56 5.96 -13.15
CA GLN A 569 23.24 5.48 -11.76
C GLN A 569 23.59 6.60 -10.68
N SER A 570 23.75 7.85 -11.11
CA SER A 570 24.13 8.97 -10.11
C SER A 570 23.30 9.04 -8.80
N ALA A 571 21.98 8.78 -8.87
CA ALA A 571 21.17 8.93 -7.61
C ALA A 571 21.46 7.87 -6.57
N TYR A 572 22.15 6.79 -6.97
CA TYR A 572 22.51 5.71 -5.97
C TYR A 572 23.69 6.13 -5.10
N GLY A 573 24.26 7.29 -5.39
CA GLY A 573 25.31 7.87 -4.51
C GLY A 573 26.64 7.13 -4.51
N SER A 574 27.43 7.32 -3.44
CA SER A 574 28.76 6.70 -3.33
C SER A 574 28.78 5.19 -2.98
N SER A 575 27.75 4.71 -2.25
CA SER A 575 27.64 3.31 -1.75
C SER A 575 26.27 3.19 -1.10
N LEU A 576 25.78 1.97 -0.80
CA LEU A 576 24.45 1.77 -0.13
C LEU A 576 24.50 1.93 1.41
N MET A 577 25.61 1.48 1.99
CA MET A 577 25.81 1.62 3.45
C MET A 577 26.82 2.78 3.69
N ASN A 578 26.65 3.54 4.77
CA ASN A 578 27.50 4.79 5.05
C ASN A 578 27.81 5.72 3.80
N PRO A 579 26.77 6.12 3.07
CA PRO A 579 26.97 6.95 1.85
C PRO A 579 27.44 8.39 2.19
N ASP A 580 28.11 9.07 1.24
CA ASP A 580 28.36 10.55 1.40
C ASP A 580 26.99 11.28 1.49
N SER A 581 26.87 12.19 2.45
CA SER A 581 25.61 12.87 2.78
C SER A 581 25.80 14.38 3.23
N VAL A 582 24.67 15.03 3.41
CA VAL A 582 24.52 16.32 4.19
C VAL A 582 23.42 16.09 5.27
N ILE A 583 23.60 16.56 6.49
CA ILE A 583 22.56 16.40 7.56
C ILE A 583 21.79 17.71 7.68
N ILE A 584 20.45 17.63 7.63
CA ILE A 584 19.61 18.88 7.67
C ILE A 584 18.62 18.79 8.82
N ASN A 585 18.59 19.83 9.68
CA ASN A 585 17.70 19.85 10.87
C ASN A 585 16.61 20.85 10.50
N GLY A 586 15.40 20.33 10.23
CA GLY A 586 14.20 21.16 10.00
C GLY A 586 13.52 20.70 8.69
N GLY A 587 12.21 21.00 8.55
CA GLY A 587 11.51 20.77 7.24
C GLY A 587 10.54 19.55 7.36
N TYR A 588 9.42 19.65 6.63
CA TYR A 588 8.43 18.53 6.50
C TYR A 588 8.93 17.36 5.64
N LEU A 589 9.72 17.68 4.59
CA LEU A 589 10.42 16.66 3.80
C LEU A 589 11.65 17.29 3.15
N ILE A 590 12.79 16.58 3.21
CA ILE A 590 13.92 16.91 2.28
C ILE A 590 13.97 15.80 1.20
N ARG A 591 13.85 16.22 -0.10
CA ARG A 591 13.83 15.30 -1.20
C ARG A 591 15.22 14.97 -1.77
N SER A 592 16.11 15.97 -1.88
CA SER A 592 17.40 15.76 -2.55
C SER A 592 18.34 16.99 -2.28
N VAL A 593 19.64 16.74 -2.53
CA VAL A 593 20.67 17.82 -2.58
C VAL A 593 21.51 17.64 -3.88
N ALA A 594 22.10 18.75 -4.36
CA ALA A 594 23.06 18.69 -5.49
C ALA A 594 24.08 19.84 -5.38
N ILE A 595 25.30 19.63 -5.90
CA ILE A 595 26.34 20.66 -5.90
C ILE A 595 26.43 21.19 -7.34
N LYS A 596 26.42 22.53 -7.49
CA LYS A 596 26.67 23.17 -8.80
C LYS A 596 27.62 24.35 -8.61
N GLY A 597 28.88 24.17 -9.03
CA GLY A 597 30.00 25.10 -8.75
C GLY A 597 30.18 25.33 -7.26
N ASN A 598 30.04 26.59 -6.84
CA ASN A 598 30.21 26.96 -5.45
C ASN A 598 28.90 27.02 -4.69
N ALA A 599 27.81 26.44 -5.21
CA ALA A 599 26.45 26.47 -4.53
C ALA A 599 25.93 25.07 -4.10
N LEU A 600 25.32 24.97 -2.91
CA LEU A 600 24.61 23.73 -2.50
C LEU A 600 23.14 24.03 -2.83
N SER A 601 22.47 23.17 -3.62
CA SER A 601 21.06 23.37 -4.02
C SER A 601 20.17 22.26 -3.34
N VAL A 602 19.11 22.63 -2.61
CA VAL A 602 18.27 21.70 -1.81
C VAL A 602 16.87 21.72 -2.37
N GLN A 603 16.21 20.52 -2.56
CA GLN A 603 14.79 20.46 -2.91
C GLN A 603 14.06 20.03 -1.65
N ALA A 604 13.00 20.77 -1.23
CA ALA A 604 12.42 20.55 0.11
C ALA A 604 10.94 20.91 0.04
N ASP A 605 10.16 20.38 1.02
CA ASP A 605 8.72 20.73 1.15
C ASP A 605 8.49 21.22 2.61
N PHE A 606 7.57 22.20 2.78
CA PHE A 606 7.32 22.79 4.10
C PHE A 606 5.81 22.80 4.33
N ASN A 607 5.30 22.19 5.44
CA ASN A 607 3.89 22.27 5.79
C ASN A 607 3.62 23.33 6.90
N VAL A 608 4.71 23.80 7.55
CA VAL A 608 4.68 24.87 8.60
C VAL A 608 5.95 25.73 8.49
N THR A 609 5.94 26.95 9.07
CA THR A 609 7.23 27.76 9.07
C THR A 609 8.30 27.14 9.96
N THR A 610 9.57 27.25 9.52
CA THR A 610 10.70 26.69 10.29
C THR A 610 11.98 27.26 9.71
N PRO A 611 13.01 27.44 10.54
CA PRO A 611 14.35 27.64 9.91
C PRO A 611 14.91 26.30 9.43
N LEU A 612 16.04 26.36 8.69
CA LEU A 612 16.78 25.13 8.28
C LEU A 612 18.16 25.32 8.78
N GLU A 613 18.73 24.27 9.40
CA GLU A 613 20.16 24.26 9.79
C GLU A 613 20.88 23.18 8.95
N ILE A 614 21.92 23.54 8.24
CA ILE A 614 22.70 22.60 7.46
C ILE A 614 24.02 22.28 8.12
N ILE A 615 24.25 20.96 8.35
CA ILE A 615 25.42 20.43 9.07
C ILE A 615 26.24 19.59 8.08
N GLY A 616 27.52 19.95 7.93
CA GLY A 616 28.47 19.22 7.07
C GLY A 616 28.56 19.83 5.66
N ILE A 617 28.94 21.08 5.54
CA ILE A 617 29.00 21.79 4.23
C ILE A 617 30.20 21.30 3.44
N PRO A 618 30.03 20.86 2.17
CA PRO A 618 31.23 20.40 1.46
C PRO A 618 32.29 21.53 1.19
N LYS A 619 33.55 21.11 1.04
CA LYS A 619 34.67 22.01 0.93
C LYS A 619 34.51 22.89 -0.32
N GLY A 620 34.73 24.19 -0.15
CA GLY A 620 34.71 25.12 -1.30
C GLY A 620 33.29 25.64 -1.64
N ILE A 621 32.28 25.20 -0.88
CA ILE A 621 30.93 25.72 -1.15
C ILE A 621 30.66 26.97 -0.33
N SER A 622 30.16 28.02 -0.99
CA SER A 622 29.88 29.26 -0.28
C SER A 622 28.51 29.90 -0.52
N LYS A 623 27.66 29.32 -1.39
CA LYS A 623 26.32 29.88 -1.59
C LYS A 623 25.27 28.79 -1.31
N LEU A 624 24.04 29.20 -0.95
CA LEU A 624 22.96 28.26 -0.64
C LEU A 624 21.74 28.57 -1.52
N ALA A 625 21.04 27.56 -2.12
CA ALA A 625 19.70 27.83 -2.70
C ALA A 625 18.70 26.79 -2.20
N VAL A 626 17.44 27.19 -1.97
CA VAL A 626 16.34 26.25 -1.62
C VAL A 626 15.23 26.41 -2.69
N ASN A 627 14.80 25.30 -3.33
CA ASN A 627 13.80 25.32 -4.45
C ASN A 627 14.12 26.34 -5.57
N GLY A 628 15.38 26.42 -5.94
CA GLY A 628 15.72 27.36 -7.09
C GLY A 628 16.01 28.82 -6.69
N LYS A 629 15.97 29.17 -5.41
CA LYS A 629 16.12 30.59 -4.98
C LYS A 629 17.32 30.79 -4.04
N GLU A 630 18.26 31.66 -4.42
CA GLU A 630 19.40 31.98 -3.51
C GLU A 630 19.02 32.64 -2.19
N LEU A 631 19.56 32.16 -1.07
CA LEU A 631 19.37 32.92 0.17
C LEU A 631 20.61 33.06 1.08
N GLY A 632 20.62 34.11 1.92
CA GLY A 632 21.70 34.37 2.88
C GLY A 632 21.58 33.44 4.10
N TYR A 633 22.60 33.42 4.95
CA TYR A 633 22.66 32.50 6.12
C TYR A 633 23.55 33.09 7.23
N SER A 634 23.32 32.71 8.52
CA SER A 634 24.26 32.98 9.62
C SER A 634 25.21 31.77 9.76
N VAL A 635 26.47 31.97 10.21
CA VAL A 635 27.44 30.82 10.41
C VAL A 635 27.65 30.65 11.93
N SER A 636 27.49 29.42 12.46
CA SER A 636 27.74 29.16 13.90
C SER A 636 29.23 28.93 14.14
N GLU A 637 29.70 28.93 15.41
CA GLU A 637 31.13 28.68 15.66
C GLU A 637 31.63 27.24 15.22
N LEU A 638 30.69 26.33 14.93
CA LEU A 638 30.95 24.95 14.44
C LEU A 638 30.90 24.81 12.94
N GLY A 639 30.66 25.94 12.27
CA GLY A 639 30.61 25.97 10.82
C GLY A 639 29.29 25.47 10.25
N ASP A 640 28.23 25.36 11.07
CA ASP A 640 26.86 24.99 10.50
C ASP A 640 26.20 26.30 9.90
N TRP A 641 25.30 26.15 8.93
CA TRP A 641 24.66 27.31 8.35
C TRP A 641 23.20 27.39 8.84
N ILE A 642 22.75 28.56 9.29
CA ILE A 642 21.33 28.70 9.67
C ILE A 642 20.65 29.67 8.74
N ALA A 643 19.58 29.17 8.07
CA ALA A 643 18.94 29.93 6.99
C ALA A 643 17.45 30.04 7.25
N HIS A 644 16.83 31.02 6.63
CA HIS A 644 15.39 31.35 6.96
C HIS A 644 14.67 31.48 5.60
N PRO A 645 14.34 30.34 4.95
CA PRO A 645 13.57 30.47 3.64
C PRO A 645 12.18 31.12 3.88
N ALA A 646 11.73 31.86 2.89
CA ALA A 646 10.34 32.40 2.83
C ALA A 646 9.32 31.22 2.75
N ILE A 647 8.36 31.12 3.70
CA ILE A 647 7.38 30.06 3.70
C ILE A 647 6.05 30.75 3.96
N GLU A 648 5.27 30.91 2.91
CA GLU A 648 3.90 31.40 3.02
C GLU A 648 2.89 30.21 2.87
N ILE A 649 2.03 29.98 3.85
CA ILE A 649 1.03 28.90 3.80
C ILE A 649 -0.34 29.62 3.63
N PRO A 650 -0.83 29.70 2.36
CA PRO A 650 -2.01 30.50 1.99
C PRO A 650 -3.35 29.90 2.38
N HIS A 651 -4.37 30.76 2.40
CA HIS A 651 -5.76 30.30 2.54
C HIS A 651 -6.19 29.85 1.12
N VAL A 652 -6.71 28.62 1.01
CA VAL A 652 -7.16 28.12 -0.28
C VAL A 652 -8.69 28.08 -0.29
N GLN A 653 -9.22 28.60 -1.37
CA GLN A 653 -10.67 28.57 -1.61
C GLN A 653 -10.97 27.60 -2.77
N VAL A 654 -11.91 26.68 -2.59
CA VAL A 654 -12.25 25.82 -3.74
C VAL A 654 -13.70 26.03 -4.16
N PRO A 655 -14.04 25.65 -5.39
CA PRO A 655 -15.46 25.84 -5.80
C PRO A 655 -16.46 25.04 -4.93
N GLU A 656 -17.63 25.60 -4.67
CA GLU A 656 -18.75 24.91 -3.98
C GLU A 656 -19.47 23.98 -4.98
N LEU A 657 -19.53 22.68 -4.69
CA LEU A 657 -20.17 21.69 -5.62
C LEU A 657 -21.69 21.89 -5.79
N THR A 658 -22.34 22.28 -4.72
CA THR A 658 -23.81 22.56 -4.77
C THR A 658 -24.20 23.60 -5.82
N LYS A 659 -23.28 24.53 -6.13
CA LYS A 659 -23.45 25.60 -7.15
C LYS A 659 -23.02 25.31 -8.58
N LEU A 660 -22.51 24.09 -8.86
CA LEU A 660 -22.21 23.77 -10.28
C LEU A 660 -23.49 23.62 -11.13
N LYS A 661 -23.35 23.65 -12.43
CA LYS A 661 -24.50 23.44 -13.32
C LYS A 661 -24.63 21.90 -13.60
N TRP A 662 -25.41 21.18 -12.79
CA TRP A 662 -25.67 19.74 -12.97
C TRP A 662 -26.65 19.35 -14.11
N TYR A 663 -26.30 18.30 -14.88
CA TYR A 663 -27.19 17.68 -15.88
C TYR A 663 -27.55 16.23 -15.47
N LYS A 664 -28.72 15.72 -15.91
CA LYS A 664 -29.24 14.37 -15.48
C LYS A 664 -29.67 13.47 -16.64
N VAL A 665 -29.46 12.13 -16.55
CA VAL A 665 -30.03 11.15 -17.56
C VAL A 665 -30.56 9.92 -16.82
N ASP A 666 -31.70 9.41 -17.25
CA ASP A 666 -32.26 8.12 -16.70
C ASP A 666 -31.30 7.00 -17.07
N SER A 667 -30.88 6.24 -16.05
CA SER A 667 -29.98 5.13 -16.33
C SER A 667 -30.65 3.77 -16.09
N LEU A 668 -32.00 3.72 -16.07
CA LEU A 668 -32.75 2.40 -16.17
C LEU A 668 -33.87 2.43 -17.24
N PRO A 669 -33.53 2.80 -18.49
CA PRO A 669 -34.56 2.76 -19.51
C PRO A 669 -35.12 1.36 -19.82
N GLU A 670 -34.43 0.28 -19.37
CA GLU A 670 -34.91 -1.12 -19.57
C GLU A 670 -36.36 -1.37 -19.08
N ILE A 671 -36.79 -0.66 -18.02
CA ILE A 671 -38.14 -0.97 -17.41
C ILE A 671 -39.32 -0.23 -18.09
N ARG A 672 -39.01 0.58 -19.12
CA ARG A 672 -40.04 1.33 -19.89
C ARG A 672 -40.64 0.42 -20.99
N SER A 673 -41.93 0.58 -21.28
CA SER A 673 -42.59 -0.29 -22.28
C SER A 673 -42.01 -0.22 -23.68
N ASN A 674 -41.41 0.90 -24.03
CA ASN A 674 -40.88 1.03 -25.39
C ASN A 674 -39.45 0.45 -25.59
N TYR A 675 -38.88 -0.16 -24.54
CA TYR A 675 -37.45 -0.51 -24.62
C TYR A 675 -37.22 -1.70 -25.58
N ASP A 676 -36.23 -1.59 -26.50
CA ASP A 676 -35.90 -2.66 -27.46
C ASP A 676 -34.62 -3.33 -27.00
N ASP A 677 -34.69 -4.63 -26.63
CA ASP A 677 -33.49 -5.40 -26.30
C ASP A 677 -32.92 -6.34 -27.39
N SER A 678 -33.21 -6.04 -28.68
CA SER A 678 -32.87 -6.98 -29.70
C SER A 678 -31.36 -7.08 -29.89
N ARG A 679 -30.59 -6.08 -29.42
CA ARG A 679 -29.09 -6.14 -29.52
C ARG A 679 -28.44 -6.91 -28.34
N TRP A 680 -29.22 -7.31 -27.32
CA TRP A 680 -28.57 -7.95 -26.12
C TRP A 680 -28.13 -9.39 -26.38
N PRO A 681 -27.02 -9.86 -25.79
CA PRO A 681 -26.64 -11.26 -25.83
C PRO A 681 -27.73 -12.24 -25.29
N LEU A 682 -27.98 -13.37 -25.96
CA LEU A 682 -28.92 -14.40 -25.43
C LEU A 682 -28.23 -15.25 -24.37
N ALA A 683 -28.93 -15.59 -23.27
CA ALA A 683 -28.37 -16.57 -22.29
C ALA A 683 -28.89 -17.97 -22.67
N ASN A 684 -28.23 -18.61 -23.66
CA ASN A 684 -28.69 -19.91 -24.20
C ASN A 684 -27.69 -21.07 -24.08
N LEU A 685 -26.69 -20.93 -23.20
CA LEU A 685 -25.70 -22.00 -23.00
C LEU A 685 -26.29 -23.11 -22.11
N ARG A 686 -26.48 -24.33 -22.63
CA ARG A 686 -27.16 -25.39 -21.86
C ARG A 686 -26.24 -26.18 -20.92
N THR A 687 -24.95 -25.97 -21.09
CA THR A 687 -23.96 -26.55 -20.20
C THR A 687 -22.96 -25.44 -19.81
N SER A 688 -22.22 -25.68 -18.75
CA SER A 688 -21.16 -24.73 -18.26
C SER A 688 -19.91 -25.58 -17.98
N ASN A 689 -18.73 -24.95 -18.10
CA ASN A 689 -17.45 -25.56 -17.65
C ASN A 689 -17.14 -25.22 -16.20
N ASN A 690 -18.07 -24.56 -15.47
CA ASN A 690 -17.79 -24.20 -14.07
C ASN A 690 -17.96 -25.40 -13.14
N THR A 691 -16.85 -25.99 -12.72
CA THR A 691 -16.89 -27.24 -11.89
C THR A 691 -17.10 -26.98 -10.42
N TYR A 692 -16.95 -25.74 -9.95
CA TYR A 692 -17.14 -25.36 -8.55
C TYR A 692 -18.62 -25.19 -8.15
N ALA A 693 -19.42 -24.76 -9.11
CA ALA A 693 -20.87 -24.51 -8.87
C ALA A 693 -21.63 -25.13 -10.03
N PRO A 694 -21.87 -26.47 -10.03
CA PRO A 694 -22.63 -27.12 -11.15
C PRO A 694 -24.03 -26.47 -11.36
N LEU A 695 -24.43 -26.32 -12.63
CA LEU A 695 -25.73 -25.77 -12.93
C LEU A 695 -26.94 -26.40 -12.26
N LYS A 696 -27.82 -25.51 -11.79
CA LYS A 696 -29.09 -25.97 -11.20
C LYS A 696 -30.24 -25.56 -12.14
N THR A 697 -29.96 -24.72 -13.15
CA THR A 697 -30.91 -24.12 -14.07
C THR A 697 -30.77 -24.75 -15.48
N PRO A 698 -31.81 -24.66 -16.34
CA PRO A 698 -31.80 -25.16 -17.74
C PRO A 698 -30.72 -24.51 -18.64
N VAL A 699 -30.35 -23.25 -18.33
CA VAL A 699 -29.26 -22.53 -19.07
C VAL A 699 -28.34 -21.83 -18.02
N SER A 700 -27.08 -21.52 -18.39
CA SER A 700 -26.17 -20.78 -17.47
C SER A 700 -26.62 -19.32 -17.36
N LEU A 701 -26.79 -18.84 -16.13
CA LEU A 701 -26.94 -17.36 -15.81
C LEU A 701 -25.74 -16.77 -14.99
N TYR A 702 -24.51 -17.31 -15.20
CA TYR A 702 -23.28 -16.78 -14.61
C TYR A 702 -22.68 -15.72 -15.55
N GLY A 703 -22.38 -14.49 -15.07
CA GLY A 703 -21.80 -13.43 -16.02
C GLY A 703 -20.50 -13.87 -16.69
N SER A 704 -19.63 -14.55 -15.96
CA SER A 704 -18.34 -14.88 -16.60
C SER A 704 -18.42 -15.96 -17.74
N ASP A 705 -19.51 -16.76 -17.84
CA ASP A 705 -19.65 -17.77 -18.87
C ASP A 705 -19.87 -17.04 -20.23
N TYR A 706 -20.27 -15.75 -20.16
CA TYR A 706 -20.53 -14.91 -21.38
C TYR A 706 -19.49 -13.76 -21.58
N GLY A 707 -18.39 -13.81 -20.85
CA GLY A 707 -17.42 -12.68 -20.95
C GLY A 707 -17.56 -11.42 -20.14
N PHE A 708 -18.45 -11.39 -19.13
CA PHE A 708 -18.70 -10.22 -18.27
C PHE A 708 -18.12 -10.45 -16.92
N HIS A 709 -17.01 -9.71 -16.60
CA HIS A 709 -16.34 -9.95 -15.27
C HIS A 709 -16.26 -8.74 -14.27
N ALA A 710 -16.87 -7.59 -14.59
CA ALA A 710 -16.66 -6.31 -13.88
C ALA A 710 -17.99 -5.58 -13.58
N GLY A 711 -18.24 -5.20 -12.32
CA GLY A 711 -19.30 -4.21 -12.01
C GLY A 711 -20.69 -4.80 -12.20
N THR A 712 -21.69 -3.93 -12.39
CA THR A 712 -23.08 -4.34 -12.25
C THR A 712 -23.55 -5.22 -13.46
N LEU A 713 -24.33 -6.29 -13.21
CA LEU A 713 -24.93 -7.17 -14.28
C LEU A 713 -26.43 -6.93 -14.36
N LEU A 714 -27.02 -7.05 -15.57
CA LEU A 714 -28.50 -7.07 -15.71
C LEU A 714 -28.98 -8.34 -16.46
N PHE A 715 -30.15 -8.87 -16.06
CA PHE A 715 -30.79 -10.06 -16.72
C PHE A 715 -32.22 -9.71 -17.14
N ARG A 716 -32.74 -10.25 -18.26
CA ARG A 716 -34.14 -9.97 -18.71
C ARG A 716 -34.76 -11.33 -19.03
N GLY A 717 -35.80 -11.72 -18.28
CA GLY A 717 -36.41 -13.06 -18.44
C GLY A 717 -37.86 -12.95 -18.93
N ARG A 718 -38.15 -13.59 -20.08
CA ARG A 718 -39.47 -13.59 -20.68
C ARG A 718 -40.29 -14.81 -20.27
N PHE A 719 -41.58 -14.63 -19.87
CA PHE A 719 -42.45 -15.83 -19.69
C PHE A 719 -43.87 -15.51 -20.11
N THR A 720 -44.68 -16.58 -20.33
CA THR A 720 -46.10 -16.39 -20.67
C THR A 720 -46.90 -16.72 -19.43
N ALA A 721 -47.83 -15.81 -19.02
CA ALA A 721 -48.57 -16.11 -17.73
C ALA A 721 -49.51 -17.31 -17.91
N ARG A 722 -49.47 -18.26 -16.96
CA ARG A 722 -50.38 -19.44 -16.96
C ARG A 722 -51.61 -19.28 -16.03
N THR A 723 -51.41 -18.61 -14.88
CA THR A 723 -52.45 -18.19 -13.91
C THR A 723 -52.31 -16.69 -13.52
N ALA A 724 -53.37 -16.07 -12.99
CA ALA A 724 -53.26 -14.63 -12.63
C ALA A 724 -52.29 -14.34 -11.47
N ARG A 725 -52.04 -15.32 -10.58
CA ARG A 725 -51.06 -15.12 -9.54
C ARG A 725 -50.01 -16.25 -9.68
N GLN A 726 -48.74 -15.89 -9.60
CA GLN A 726 -47.65 -16.91 -9.71
C GLN A 726 -46.65 -16.60 -8.64
N GLN A 727 -45.84 -17.59 -8.23
CA GLN A 727 -44.86 -17.36 -7.17
C GLN A 727 -43.45 -17.52 -7.75
N LEU A 728 -42.56 -16.56 -7.45
CA LEU A 728 -41.18 -16.58 -7.96
C LEU A 728 -40.17 -16.80 -6.79
N PHE A 729 -39.33 -17.83 -6.89
CA PHE A 729 -38.15 -18.01 -6.00
C PHE A 729 -36.93 -17.61 -6.83
N LEU A 730 -36.03 -16.74 -6.29
CA LEU A 730 -34.87 -16.24 -7.02
C LEU A 730 -33.66 -16.22 -6.10
N SER A 731 -32.58 -16.97 -6.47
CA SER A 731 -31.34 -17.06 -5.68
C SER A 731 -30.30 -16.27 -6.48
N THR A 732 -29.78 -15.18 -5.87
CA THR A 732 -28.80 -14.27 -6.55
C THR A 732 -27.47 -14.26 -5.80
N GLN A 733 -26.38 -13.97 -6.53
CA GLN A 733 -25.04 -13.94 -5.89
C GLN A 733 -24.15 -12.78 -6.45
N GLY A 734 -23.62 -11.86 -5.58
CA GLY A 734 -22.80 -10.71 -6.08
C GLY A 734 -21.45 -10.50 -5.39
N GLY A 735 -21.18 -11.36 -4.39
CA GLY A 735 -20.07 -11.08 -3.49
C GLY A 735 -20.47 -10.36 -2.19
N SER A 736 -19.61 -10.34 -1.14
CA SER A 736 -19.93 -9.61 0.10
C SER A 736 -20.45 -8.15 -0.13
N ALA A 737 -21.56 -7.78 0.54
CA ALA A 737 -22.12 -6.39 0.56
C ALA A 737 -22.67 -5.99 -0.85
N PHE A 738 -23.00 -7.01 -1.66
CA PHE A 738 -23.76 -6.79 -2.93
C PHE A 738 -25.21 -6.41 -2.63
N ALA A 739 -25.89 -5.95 -3.67
CA ALA A 739 -27.40 -5.83 -3.58
C ALA A 739 -28.06 -6.31 -4.91
N SER A 740 -29.37 -6.56 -4.90
CA SER A 740 -30.12 -6.88 -6.15
CA SER A 740 -30.12 -6.91 -6.14
C SER A 740 -31.50 -6.26 -6.08
N SER A 741 -31.99 -5.81 -7.26
CA SER A 741 -33.39 -5.20 -7.36
C SER A 741 -34.17 -5.88 -8.56
N VAL A 742 -35.51 -5.98 -8.45
CA VAL A 742 -36.34 -6.74 -9.45
C VAL A 742 -37.60 -5.90 -9.81
N TRP A 743 -37.87 -5.77 -11.13
CA TRP A 743 -39.03 -5.15 -11.72
C TRP A 743 -39.76 -6.22 -12.66
N LEU A 744 -41.07 -6.13 -12.71
CA LEU A 744 -41.94 -6.95 -13.59
C LEU A 744 -42.53 -5.96 -14.59
N ASN A 745 -42.06 -5.96 -15.84
CA ASN A 745 -42.33 -4.81 -16.82
C ASN A 745 -41.88 -3.45 -16.15
N ASP A 746 -42.76 -2.43 -15.98
CA ASP A 746 -42.36 -1.19 -15.24
C ASP A 746 -42.71 -1.17 -13.71
N ARG A 747 -43.19 -2.28 -13.18
CA ARG A 747 -43.65 -2.38 -11.76
C ARG A 747 -42.53 -2.85 -10.82
N PHE A 748 -42.20 -2.04 -9.79
CA PHE A 748 -41.16 -2.47 -8.83
C PHE A 748 -41.67 -3.64 -7.96
N ILE A 749 -40.89 -4.74 -7.90
CA ILE A 749 -41.19 -5.90 -7.03
C ILE A 749 -40.50 -5.96 -5.66
N GLY A 750 -39.20 -5.70 -5.63
CA GLY A 750 -38.52 -5.64 -4.32
C GLY A 750 -36.99 -5.67 -4.50
N SER A 751 -36.24 -5.37 -3.43
CA SER A 751 -34.75 -5.41 -3.40
C SER A 751 -34.25 -6.27 -2.26
N PHE A 752 -33.14 -6.98 -2.48
CA PHE A 752 -32.38 -7.44 -1.36
C PHE A 752 -31.40 -6.29 -1.11
N THR A 753 -31.45 -5.68 0.10
CA THR A 753 -30.72 -4.38 0.31
C THR A 753 -29.27 -4.59 0.84
N GLY A 754 -28.93 -5.84 1.18
CA GLY A 754 -27.51 -6.19 1.51
C GLY A 754 -27.04 -5.98 2.95
N PHE A 755 -25.95 -6.69 3.34
CA PHE A 755 -25.26 -6.45 4.58
C PHE A 755 -23.85 -6.99 4.47
N ASP A 756 -22.98 -6.57 5.41
CA ASP A 756 -21.57 -7.01 5.29
C ASP A 756 -21.38 -8.54 5.18
N ALA A 757 -22.19 -9.32 5.90
CA ALA A 757 -22.05 -10.82 5.97
C ALA A 757 -22.76 -11.63 4.88
N ALA A 758 -23.37 -11.02 3.86
CA ALA A 758 -24.12 -11.77 2.83
C ALA A 758 -23.43 -11.55 1.48
N SER A 759 -23.08 -12.66 0.84
CA SER A 759 -22.50 -12.73 -0.55
C SER A 759 -23.54 -13.28 -1.52
N ALA A 760 -24.58 -13.85 -0.97
CA ALA A 760 -25.73 -14.42 -1.76
C ALA A 760 -27.06 -14.23 -1.00
N ALA A 761 -28.19 -14.37 -1.71
CA ALA A 761 -29.49 -14.17 -1.06
C ALA A 761 -30.53 -15.06 -1.74
N ASN A 762 -31.38 -15.68 -0.91
CA ASN A 762 -32.60 -16.34 -1.46
C ASN A 762 -33.85 -15.49 -1.24
N SER A 763 -34.50 -15.03 -2.31
CA SER A 763 -35.69 -14.19 -2.20
C SER A 763 -36.96 -14.87 -2.74
N SER A 764 -38.15 -14.53 -2.19
CA SER A 764 -39.42 -15.13 -2.60
C SER A 764 -40.37 -13.96 -2.86
N TYR A 765 -40.92 -13.84 -4.07
CA TYR A 765 -41.81 -12.71 -4.43
C TYR A 765 -43.15 -13.20 -5.02
N THR A 766 -44.26 -12.50 -4.82
CA THR A 766 -45.47 -12.84 -5.51
C THR A 766 -45.53 -11.95 -6.78
N LEU A 767 -45.88 -12.58 -7.90
CA LEU A 767 -46.19 -11.85 -9.11
C LEU A 767 -47.73 -11.91 -9.34
N ASP A 768 -48.41 -10.82 -9.02
CA ASP A 768 -49.91 -10.80 -8.97
C ASP A 768 -50.54 -10.00 -10.06
N ARG A 769 -51.84 -10.27 -10.28
CA ARG A 769 -52.61 -9.42 -11.26
C ARG A 769 -52.14 -9.57 -12.71
N LEU A 770 -51.78 -10.79 -13.08
CA LEU A 770 -51.32 -11.07 -14.47
C LEU A 770 -52.48 -11.45 -15.41
N VAL A 771 -52.39 -11.04 -16.66
CA VAL A 771 -53.31 -11.49 -17.69
C VAL A 771 -52.88 -12.84 -18.35
N ARG A 772 -53.71 -13.88 -18.19
CA ARG A 772 -53.38 -15.26 -18.71
C ARG A 772 -53.11 -15.24 -20.22
N GLY A 773 -51.99 -15.84 -20.65
CA GLY A 773 -51.61 -15.84 -22.07
C GLY A 773 -50.73 -14.70 -22.57
N ARG A 774 -50.57 -13.67 -21.76
CA ARG A 774 -49.77 -12.50 -22.15
C ARG A 774 -48.29 -12.73 -21.75
N ARG A 775 -47.37 -12.19 -22.55
CA ARG A 775 -45.93 -12.19 -22.23
C ARG A 775 -45.48 -11.03 -21.34
N TYR A 776 -44.70 -11.35 -20.30
CA TYR A 776 -44.12 -10.38 -19.33
C TYR A 776 -42.64 -10.48 -19.37
N ILE A 777 -41.90 -9.41 -18.99
CA ILE A 777 -40.41 -9.43 -18.87
C ILE A 777 -39.98 -9.03 -17.41
N LEU A 778 -39.21 -9.91 -16.77
CA LEU A 778 -38.60 -9.62 -15.45
C LEU A 778 -37.27 -8.90 -15.74
N THR A 779 -36.99 -7.73 -15.16
CA THR A 779 -35.65 -7.11 -15.18
C THR A 779 -35.02 -7.29 -13.78
N VAL A 780 -33.84 -7.92 -13.74
CA VAL A 780 -33.11 -8.23 -12.45
C VAL A 780 -31.71 -7.53 -12.52
N VAL A 781 -31.39 -6.61 -11.60
CA VAL A 781 -30.10 -5.91 -11.53
C VAL A 781 -29.35 -6.56 -10.39
N VAL A 782 -28.12 -7.02 -10.64
CA VAL A 782 -27.28 -7.69 -9.57
C VAL A 782 -25.93 -6.97 -9.56
N ASP A 783 -25.62 -6.31 -8.43
CA ASP A 783 -24.33 -5.65 -8.30
C ASP A 783 -23.24 -6.71 -8.07
N SER A 784 -22.00 -6.46 -8.49
CA SER A 784 -20.89 -7.33 -8.00
C SER A 784 -19.85 -6.40 -7.33
N THR A 785 -19.29 -6.81 -6.19
CA THR A 785 -18.26 -5.99 -5.54
C THR A 785 -16.87 -6.63 -5.86
N GLY A 786 -16.87 -7.51 -6.87
CA GLY A 786 -15.61 -8.14 -7.42
C GLY A 786 -15.63 -9.69 -7.34
N LEU A 787 -14.59 -10.34 -7.87
CA LEU A 787 -14.43 -11.87 -7.83
C LEU A 787 -13.60 -12.21 -6.58
N ASP A 788 -13.94 -13.32 -5.94
CA ASP A 788 -13.30 -13.65 -4.64
C ASP A 788 -11.86 -14.10 -4.93
N GLU A 789 -11.04 -14.10 -3.89
CA GLU A 789 -9.70 -14.66 -3.91
C GLU A 789 -9.71 -16.22 -3.89
N ASN A 790 -8.50 -16.83 -3.97
CA ASN A 790 -8.37 -18.30 -4.07
C ASN A 790 -7.16 -18.68 -3.21
N TRP A 791 -7.19 -18.28 -1.92
CA TRP A 791 -5.99 -18.49 -1.09
C TRP A 791 -5.75 -19.91 -0.54
N THR A 792 -6.70 -20.86 -0.68
CA THR A 792 -6.39 -22.26 -0.30
C THR A 792 -6.40 -23.12 -1.58
N THR A 793 -5.22 -23.62 -1.98
CA THR A 793 -5.11 -24.39 -3.19
C THR A 793 -5.99 -25.64 -3.10
N GLY A 794 -6.73 -25.95 -4.14
CA GLY A 794 -7.58 -27.17 -4.09
C GLY A 794 -9.05 -26.88 -3.75
N ASP A 795 -9.33 -25.69 -3.18
CA ASP A 795 -10.72 -25.15 -3.03
C ASP A 795 -10.85 -24.02 -4.08
N ASP A 796 -11.57 -24.24 -5.18
CA ASP A 796 -11.59 -23.27 -6.35
C ASP A 796 -12.56 -22.01 -6.04
N SER A 797 -12.31 -21.30 -4.94
CA SER A 797 -13.24 -20.22 -4.42
C SER A 797 -13.33 -19.03 -5.36
N MET A 798 -12.27 -18.76 -6.18
CA MET A 798 -12.32 -17.63 -7.17
C MET A 798 -13.41 -17.91 -8.24
N LYS A 799 -13.77 -19.20 -8.44
CA LYS A 799 -14.81 -19.55 -9.48
C LYS A 799 -16.28 -19.29 -8.98
N ALA A 800 -16.47 -18.80 -7.72
CA ALA A 800 -17.88 -18.49 -7.27
C ALA A 800 -18.54 -17.53 -8.28
N PRO A 801 -19.68 -17.94 -8.90
CA PRO A 801 -20.16 -17.13 -10.06
C PRO A 801 -20.90 -15.83 -9.61
N ARG A 802 -21.14 -14.92 -10.57
CA ARG A 802 -21.93 -13.72 -10.29
C ARG A 802 -23.17 -13.76 -11.16
N GLY A 803 -24.37 -13.51 -10.57
CA GLY A 803 -25.62 -13.50 -11.35
C GLY A 803 -26.71 -14.28 -10.64
N ILE A 804 -27.40 -15.17 -11.37
CA ILE A 804 -28.52 -15.98 -10.80
C ILE A 804 -28.12 -17.45 -10.61
N LEU A 805 -28.16 -17.95 -9.35
CA LEU A 805 -27.80 -19.34 -9.09
C LEU A 805 -28.93 -20.35 -9.29
N ASP A 806 -30.19 -19.94 -9.03
CA ASP A 806 -31.32 -20.90 -9.18
C ASP A 806 -32.60 -20.07 -9.23
N TYR A 807 -33.71 -20.64 -9.76
CA TYR A 807 -34.98 -19.91 -9.71
C TYR A 807 -36.09 -20.97 -9.89
N ALA A 808 -37.33 -20.63 -9.48
CA ALA A 808 -38.46 -21.48 -9.82
C ALA A 808 -39.63 -20.52 -9.97
N LEU A 809 -40.44 -20.70 -11.01
CA LEU A 809 -41.66 -19.87 -11.21
C LEU A 809 -42.84 -20.89 -11.31
N THR A 810 -43.82 -20.80 -10.38
CA THR A 810 -44.86 -21.85 -10.31
C THR A 810 -46.25 -21.16 -10.41
N SER A 811 -47.22 -21.84 -11.02
CA SER A 811 -48.59 -21.35 -11.15
C SER A 811 -49.34 -21.55 -9.80
N SER A 812 -50.53 -20.96 -9.62
CA SER A 812 -51.23 -21.17 -8.33
C SER A 812 -51.77 -22.61 -8.09
N SER A 813 -51.78 -23.43 -9.14
CA SER A 813 -52.04 -24.88 -9.04
C SER A 813 -50.78 -25.75 -8.97
N GLY A 814 -49.59 -25.14 -8.89
CA GLY A 814 -48.36 -25.93 -8.75
C GLY A 814 -47.54 -26.27 -9.99
N ALA A 815 -48.07 -25.98 -11.18
CA ALA A 815 -47.30 -26.25 -12.42
C ALA A 815 -46.01 -25.41 -12.57
N ASN A 816 -44.97 -25.96 -13.20
CA ASN A 816 -43.78 -25.20 -13.50
C ASN A 816 -43.97 -24.36 -14.75
N VAL A 817 -43.48 -23.12 -14.72
CA VAL A 817 -43.61 -22.20 -15.90
C VAL A 817 -42.19 -21.88 -16.44
N SER A 818 -41.95 -22.05 -17.77
CA SER A 818 -40.59 -21.77 -18.35
C SER A 818 -40.22 -20.28 -18.50
N ILE A 819 -38.94 -19.93 -18.33
CA ILE A 819 -38.46 -18.52 -18.53
C ILE A 819 -37.34 -18.58 -19.55
N SER A 820 -37.37 -17.72 -20.59
CA SER A 820 -36.19 -17.65 -21.49
C SER A 820 -35.42 -16.28 -21.27
N TRP A 821 -34.09 -16.27 -21.38
CA TRP A 821 -33.27 -15.18 -20.80
C TRP A 821 -32.36 -14.45 -21.80
N LYS A 822 -32.08 -13.14 -21.52
CA LYS A 822 -30.99 -12.36 -22.07
C LYS A 822 -30.16 -11.69 -20.94
N LEU A 823 -28.87 -11.33 -21.19
CA LEU A 823 -28.05 -10.69 -20.14
C LEU A 823 -27.02 -9.68 -20.65
N THR A 824 -26.51 -8.78 -19.80
CA THR A 824 -25.36 -7.89 -20.17
C THR A 824 -24.53 -7.49 -18.96
N GLY A 825 -23.20 -7.39 -19.15
CA GLY A 825 -22.35 -6.57 -18.27
C GLY A 825 -21.80 -5.39 -19.09
N ASN A 826 -20.53 -5.04 -18.86
CA ASN A 826 -19.89 -3.93 -19.73
C ASN A 826 -20.03 -4.17 -21.25
N LEU A 827 -20.27 -3.08 -22.03
CA LEU A 827 -20.46 -3.19 -23.46
C LEU A 827 -19.28 -3.89 -24.14
N GLY A 828 -19.60 -4.97 -24.86
CA GLY A 828 -18.53 -5.74 -25.58
C GLY A 828 -17.87 -6.87 -24.76
N GLY A 829 -18.10 -6.91 -23.42
CA GLY A 829 -17.50 -7.94 -22.56
C GLY A 829 -15.97 -7.95 -22.65
N GLU A 830 -15.38 -9.11 -23.02
CA GLU A 830 -13.94 -9.21 -23.25
C GLU A 830 -13.44 -8.33 -24.41
N ASP A 831 -14.30 -8.02 -25.39
CA ASP A 831 -13.95 -6.93 -26.37
C ASP A 831 -14.29 -5.52 -25.85
N TYR A 832 -13.62 -5.08 -24.76
CA TYR A 832 -14.04 -3.88 -23.97
C TYR A 832 -13.76 -2.60 -24.76
N ARG A 833 -14.57 -1.57 -24.56
CA ARG A 833 -14.51 -0.37 -25.45
C ARG A 833 -13.42 0.71 -25.10
N ASP A 834 -13.00 0.81 -23.84
CA ASP A 834 -12.05 1.92 -23.43
C ASP A 834 -10.65 1.29 -23.24
N VAL A 835 -9.85 1.27 -24.30
CA VAL A 835 -8.56 0.61 -24.13
C VAL A 835 -7.63 1.48 -23.23
N PHE A 836 -7.81 2.81 -23.21
CA PHE A 836 -6.94 3.71 -22.36
C PHE A 836 -7.14 3.44 -20.83
N ARG A 837 -8.40 3.29 -20.40
CA ARG A 837 -8.67 3.14 -18.93
C ARG A 837 -8.77 1.68 -18.46
N GLY A 838 -8.79 0.73 -19.41
CA GLY A 838 -8.60 -0.73 -19.02
C GLY A 838 -9.88 -1.62 -18.91
N PRO A 839 -9.73 -2.96 -18.66
CA PRO A 839 -10.85 -3.90 -18.81
C PRO A 839 -11.91 -3.85 -17.66
N LEU A 840 -11.60 -3.21 -16.51
CA LEU A 840 -12.47 -3.36 -15.30
C LEU A 840 -13.24 -2.05 -14.97
N ASN A 841 -12.79 -0.93 -15.59
CA ASN A 841 -13.27 0.45 -15.22
C ASN A 841 -14.77 0.62 -15.28
N GLU A 842 -15.43 0.04 -16.32
CA GLU A 842 -16.88 0.10 -16.57
C GLU A 842 -17.61 -1.10 -16.13
N GLY A 843 -18.72 -0.91 -15.42
CA GLY A 843 -19.69 -2.02 -15.38
C GLY A 843 -20.78 -1.97 -16.45
N GLY A 844 -21.91 -2.65 -16.16
CA GLY A 844 -22.95 -2.82 -17.19
C GLY A 844 -24.17 -1.86 -17.15
N LEU A 845 -24.20 -0.81 -16.30
CA LEU A 845 -25.40 0.14 -16.23
C LEU A 845 -25.47 0.95 -17.55
N PHE A 846 -26.71 1.33 -17.96
CA PHE A 846 -26.92 2.03 -19.29
C PHE A 846 -25.94 3.24 -19.49
N PHE A 847 -25.78 4.13 -18.48
CA PHE A 847 -24.88 5.32 -18.68
C PHE A 847 -23.40 4.91 -18.99
N GLU A 848 -22.92 3.82 -18.33
CA GLU A 848 -21.60 3.24 -18.68
C GLU A 848 -21.51 2.65 -20.13
N ARG A 849 -22.49 1.80 -20.55
CA ARG A 849 -22.48 1.21 -21.91
C ARG A 849 -22.40 2.28 -23.01
N GLN A 850 -23.09 3.42 -22.80
CA GLN A 850 -23.15 4.54 -23.83
C GLN A 850 -21.90 5.41 -23.87
N GLY A 851 -21.04 5.28 -22.86
CA GLY A 851 -19.91 6.22 -22.60
C GLY A 851 -20.26 7.63 -22.06
N PHE A 852 -21.41 7.76 -21.41
CA PHE A 852 -21.83 9.09 -20.91
C PHE A 852 -21.03 9.54 -19.64
N HIS A 853 -20.23 8.63 -19.04
CA HIS A 853 -19.25 8.99 -17.99
C HIS A 853 -17.98 9.66 -18.48
N LEU A 854 -17.77 9.72 -19.81
CA LEU A 854 -16.50 10.31 -20.32
C LEU A 854 -16.46 11.89 -20.42
N PRO A 855 -15.26 12.53 -20.46
CA PRO A 855 -15.20 14.00 -20.56
C PRO A 855 -15.99 14.54 -21.79
N SER A 856 -16.61 15.72 -21.65
CA SER A 856 -17.41 16.36 -22.74
C SER A 856 -18.60 15.47 -23.24
N PRO A 857 -19.48 15.01 -22.31
CA PRO A 857 -20.58 14.15 -22.74
C PRO A 857 -21.57 14.91 -23.66
N PRO A 858 -22.46 14.16 -24.36
CA PRO A 858 -23.43 14.81 -25.28
C PRO A 858 -24.60 15.41 -24.49
N LEU A 859 -24.51 16.70 -24.17
CA LEU A 859 -25.48 17.35 -23.26
C LEU A 859 -26.92 17.39 -23.83
N SER A 860 -27.09 17.39 -25.16
CA SER A 860 -28.45 17.24 -25.71
C SER A 860 -29.15 15.90 -25.38
N ASP A 861 -28.45 14.86 -24.93
CA ASP A 861 -29.10 13.63 -24.44
C ASP A 861 -29.46 13.67 -22.93
N PHE A 862 -29.02 14.74 -22.22
CA PHE A 862 -29.35 14.98 -20.80
C PHE A 862 -30.46 16.05 -20.59
N THR A 863 -30.97 16.19 -19.37
CA THR A 863 -31.90 17.22 -18.94
C THR A 863 -31.22 18.22 -17.96
N HIS A 864 -31.63 19.49 -18.01
CA HIS A 864 -31.22 20.49 -16.97
C HIS A 864 -32.45 21.19 -16.38
N GLY A 865 -32.49 21.37 -15.06
CA GLY A 865 -33.60 22.08 -14.37
C GLY A 865 -33.15 22.67 -13.02
N PRO A 866 -33.92 23.62 -12.45
CA PRO A 866 -33.34 24.34 -11.30
C PRO A 866 -33.45 23.55 -10.00
N SER A 867 -32.46 23.66 -9.14
CA SER A 867 -32.46 22.91 -7.89
C SER A 867 -33.58 23.33 -6.94
N SER A 868 -33.88 22.38 -6.05
CA SER A 868 -35.04 22.38 -5.15
C SER A 868 -36.40 22.53 -5.81
N SER A 869 -36.44 22.34 -7.13
CA SER A 869 -37.73 22.26 -7.82
C SER A 869 -38.14 20.84 -8.26
N SER A 870 -39.37 20.73 -8.76
CA SER A 870 -39.94 19.53 -9.34
C SER A 870 -39.06 18.95 -10.47
N SER A 871 -38.41 19.80 -11.24
CA SER A 871 -37.67 19.30 -12.38
C SER A 871 -36.16 19.46 -12.12
N SER A 872 -35.73 19.30 -10.85
CA SER A 872 -34.30 19.44 -10.52
C SER A 872 -33.47 18.39 -11.25
N SER A 873 -32.33 18.80 -11.76
CA SER A 873 -31.35 17.88 -12.33
C SER A 873 -30.12 17.72 -11.42
N SER A 874 -30.28 17.86 -10.09
CA SER A 874 -29.14 17.75 -9.13
C SER A 874 -29.21 16.49 -8.27
N PRO A 875 -28.05 15.84 -8.03
CA PRO A 875 -28.04 14.73 -7.10
C PRO A 875 -28.44 15.08 -5.65
N LEU A 876 -28.29 16.35 -5.23
CA LEU A 876 -28.84 16.79 -3.89
C LEU A 876 -30.39 16.71 -3.75
N ASP A 877 -31.07 16.76 -4.89
CA ASP A 877 -32.54 16.50 -4.88
C ASP A 877 -33.02 15.01 -5.16
N GLY A 878 -32.25 14.29 -5.98
CA GLY A 878 -32.42 12.84 -6.20
C GLY A 878 -33.69 12.44 -6.94
N ILE A 879 -34.21 11.27 -6.61
CA ILE A 879 -35.35 10.64 -7.36
C ILE A 879 -36.37 10.14 -6.36
N ALA A 880 -37.63 10.04 -6.80
CA ALA A 880 -38.73 9.77 -5.83
C ALA A 880 -39.31 8.33 -5.92
N HIS A 881 -38.64 7.44 -6.64
CA HIS A 881 -39.08 6.03 -6.76
C HIS A 881 -37.78 5.17 -6.83
N ALA A 882 -37.89 3.85 -6.58
CA ALA A 882 -36.80 2.89 -6.83
C ALA A 882 -36.26 3.05 -8.28
N GLY A 883 -34.95 2.93 -8.50
CA GLY A 883 -34.44 3.16 -9.90
C GLY A 883 -32.98 3.65 -9.92
N ILE A 884 -32.49 4.10 -11.09
CA ILE A 884 -31.13 4.48 -11.25
C ILE A 884 -30.99 5.68 -12.20
N ALA A 885 -30.34 6.77 -11.70
CA ALA A 885 -30.11 8.03 -12.48
C ALA A 885 -28.61 8.36 -12.54
N PHE A 886 -28.11 9.00 -13.61
CA PHE A 886 -26.71 9.46 -13.65
C PHE A 886 -26.66 11.02 -13.76
N TYR A 887 -25.77 11.67 -12.98
CA TYR A 887 -25.55 13.15 -12.98
C TYR A 887 -24.14 13.60 -13.41
N ALA A 888 -23.99 14.63 -14.29
CA ALA A 888 -22.64 15.09 -14.73
C ALA A 888 -22.52 16.63 -14.63
N ALA A 889 -21.33 17.12 -14.28
CA ALA A 889 -21.10 18.62 -14.27
C ALA A 889 -19.64 19.03 -14.61
N LYS A 890 -19.42 20.23 -15.22
CA LYS A 890 -18.07 20.76 -15.41
C LYS A 890 -17.55 21.47 -14.10
N LEU A 891 -16.32 21.11 -13.71
CA LEU A 891 -15.70 21.70 -12.52
C LEU A 891 -14.37 22.35 -12.92
N PRO A 892 -14.34 23.70 -13.15
CA PRO A 892 -13.12 24.46 -13.40
C PRO A 892 -12.24 24.60 -12.15
N LEU A 893 -10.93 24.35 -12.28
CA LEU A 893 -10.00 24.56 -11.14
C LEU A 893 -8.92 25.52 -11.58
N HIS A 894 -8.47 26.42 -10.68
CA HIS A 894 -7.34 27.32 -11.03
C HIS A 894 -6.49 27.55 -9.75
N LEU A 895 -5.70 26.55 -9.38
CA LEU A 895 -4.95 26.52 -8.10
C LEU A 895 -3.45 26.64 -8.36
N PRO A 896 -2.69 27.11 -7.34
CA PRO A 896 -1.25 27.33 -7.62
C PRO A 896 -0.39 26.04 -7.52
N ALA A 897 -0.66 25.09 -8.43
CA ALA A 897 -0.06 23.72 -8.43
C ALA A 897 1.46 23.71 -8.72
N GLN A 898 1.96 24.71 -9.45
CA GLN A 898 3.39 24.83 -9.63
C GLN A 898 4.14 25.01 -8.31
N GLU A 899 3.63 25.86 -7.47
CA GLU A 899 4.31 26.19 -6.15
C GLU A 899 3.80 25.32 -4.95
N TYR A 900 2.61 24.72 -5.01
CA TYR A 900 1.97 24.04 -3.76
C TYR A 900 1.37 22.65 -4.09
N ASP A 901 1.46 21.70 -3.12
CA ASP A 901 0.79 20.39 -3.20
C ASP A 901 -0.46 20.55 -2.36
N ILE A 902 -1.65 20.49 -2.99
CA ILE A 902 -2.94 20.70 -2.27
C ILE A 902 -3.84 19.42 -2.46
N PRO A 903 -3.93 18.52 -1.47
CA PRO A 903 -4.73 17.23 -1.63
C PRO A 903 -6.23 17.51 -1.61
N LEU A 904 -6.99 16.97 -2.58
CA LEU A 904 -8.40 17.25 -2.71
C LEU A 904 -9.23 15.93 -2.54
N SER A 905 -10.46 16.00 -1.96
CA SER A 905 -11.28 14.78 -1.80
C SER A 905 -12.75 15.15 -1.93
N PHE A 906 -13.60 14.17 -2.25
CA PHE A 906 -15.05 14.41 -2.37
C PHE A 906 -15.73 13.76 -1.16
N VAL A 907 -16.61 14.50 -0.45
CA VAL A 907 -17.16 14.02 0.86
C VAL A 907 -18.66 13.90 0.82
N PHE A 908 -19.17 12.66 1.07
CA PHE A 908 -20.63 12.40 1.19
C PHE A 908 -21.09 12.57 2.63
N ASP A 909 -22.20 13.31 2.87
CA ASP A 909 -22.83 13.46 4.24
C ASP A 909 -23.73 12.22 4.59
N ASN A 910 -23.52 11.56 5.72
CA ASN A 910 -24.30 10.34 6.05
C ASN A 910 -25.25 10.59 7.17
N ALA A 911 -26.50 10.89 6.77
CA ALA A 911 -27.50 11.53 7.65
C ALA A 911 -28.44 10.48 8.23
N THR A 912 -28.45 10.36 9.57
CA THR A 912 -28.79 9.07 10.23
C THR A 912 -30.09 8.50 9.71
N ALA A 913 -31.05 9.38 9.50
CA ALA A 913 -32.32 8.95 9.00
C ALA A 913 -32.32 9.27 7.55
N ALA A 914 -32.01 8.25 6.72
CA ALA A 914 -32.28 8.35 5.27
C ALA A 914 -32.46 6.98 4.57
N ALA A 915 -33.35 6.94 3.58
CA ALA A 915 -33.53 5.75 2.75
C ALA A 915 -32.17 5.26 2.14
N PRO A 916 -32.02 3.94 2.00
CA PRO A 916 -30.73 3.32 1.50
C PRO A 916 -30.47 3.55 0.03
N TYR A 917 -29.22 3.86 -0.34
CA TYR A 917 -28.87 3.94 -1.75
C TYR A 917 -27.42 3.52 -1.98
N ARG A 918 -27.06 3.30 -3.27
CA ARG A 918 -25.66 3.01 -3.64
C ARG A 918 -25.31 4.08 -4.67
N ALA A 919 -24.08 4.59 -4.62
CA ALA A 919 -23.57 5.63 -5.66
C ALA A 919 -22.22 5.18 -6.26
N LEU A 920 -21.95 5.66 -7.45
CA LEU A 920 -20.64 5.50 -8.13
C LEU A 920 -20.07 6.96 -8.43
N LEU A 921 -18.83 7.19 -8.15
CA LEU A 921 -18.16 8.51 -8.40
C LEU A 921 -17.23 8.41 -9.61
N TYR A 922 -17.45 9.27 -10.62
CA TYR A 922 -16.54 9.35 -11.77
C TYR A 922 -15.74 10.74 -11.87
N VAL A 923 -14.44 10.70 -12.21
CA VAL A 923 -13.64 11.98 -12.46
C VAL A 923 -12.89 11.88 -13.74
N ASN A 924 -13.26 12.74 -14.71
CA ASN A 924 -12.57 12.71 -16.05
C ASN A 924 -12.56 11.25 -16.71
N GLY A 925 -13.69 10.53 -16.53
CA GLY A 925 -13.90 9.16 -17.06
C GLY A 925 -13.42 7.96 -16.21
N PHE A 926 -12.67 8.23 -15.11
CA PHE A 926 -12.10 7.16 -14.24
C PHE A 926 -13.08 6.95 -13.07
N GLN A 927 -13.53 5.70 -12.77
CA GLN A 927 -14.39 5.45 -11.57
C GLN A 927 -13.50 5.51 -10.30
N TYR A 928 -13.87 6.39 -9.35
CA TYR A 928 -13.04 6.68 -8.15
C TYR A 928 -13.78 6.52 -6.85
N GLY A 929 -14.78 5.62 -6.88
CA GLY A 929 -15.61 5.41 -5.62
C GLY A 929 -16.91 4.59 -5.79
N LYS A 930 -17.14 3.67 -4.84
CA LYS A 930 -18.36 2.94 -4.73
C LYS A 930 -18.80 3.28 -3.26
N TYR A 931 -19.95 3.97 -3.13
CA TYR A 931 -20.47 4.44 -1.86
C TYR A 931 -21.71 3.59 -1.49
N VAL A 932 -21.84 3.07 -0.26
CA VAL A 932 -22.97 2.18 0.04
C VAL A 932 -23.59 2.69 1.39
N SER A 933 -24.69 3.45 1.30
CA SER A 933 -25.10 4.30 2.44
C SER A 933 -25.51 3.45 3.66
N ASN A 934 -26.05 2.22 3.46
CA ASN A 934 -26.53 1.40 4.62
C ASN A 934 -25.50 0.37 5.13
N ILE A 935 -24.25 0.38 4.61
CA ILE A 935 -23.18 -0.60 4.96
C ILE A 935 -21.88 0.10 5.41
N GLY A 936 -21.36 1.06 4.60
CA GLY A 936 -20.18 1.87 5.01
C GLY A 936 -18.89 1.03 4.98
N PRO A 937 -17.77 1.53 5.58
CA PRO A 937 -17.60 2.76 6.41
C PRO A 937 -17.17 4.04 5.62
N GLN A 938 -16.94 3.96 4.29
CA GLN A 938 -16.27 5.13 3.61
C GLN A 938 -17.25 6.31 3.24
N THR A 939 -16.90 7.54 3.63
CA THR A 939 -17.60 8.81 3.26
C THR A 939 -16.71 9.83 2.51
N GLU A 940 -15.38 9.65 2.60
CA GLU A 940 -14.47 10.63 2.04
C GLU A 940 -13.62 9.97 0.95
N PHE A 941 -13.64 10.47 -0.32
CA PHE A 941 -13.01 9.84 -1.45
C PHE A 941 -11.90 10.67 -2.08
N PRO A 942 -10.62 10.35 -1.79
CA PRO A 942 -9.54 11.19 -2.38
C PRO A 942 -9.32 10.91 -3.90
N VAL A 943 -8.96 11.94 -4.68
CA VAL A 943 -8.63 11.75 -6.13
C VAL A 943 -7.36 12.55 -6.42
N PRO A 944 -6.30 11.94 -7.03
CA PRO A 944 -5.00 12.63 -7.18
C PRO A 944 -4.91 13.71 -8.23
N GLU A 945 -4.12 14.75 -7.97
CA GLU A 945 -3.64 15.66 -9.04
C GLU A 945 -3.06 14.80 -10.18
N GLY A 946 -3.38 15.16 -11.43
CA GLY A 946 -3.03 14.27 -12.57
C GLY A 946 -4.25 13.57 -13.20
N ILE A 947 -5.07 12.94 -12.35
CA ILE A 947 -6.47 12.56 -12.73
C ILE A 947 -7.33 13.89 -12.77
N LEU A 948 -7.23 14.71 -11.69
CA LEU A 948 -7.70 16.12 -11.69
C LEU A 948 -6.77 17.11 -12.42
N ASP A 949 -7.34 18.05 -13.19
CA ASP A 949 -6.52 19.14 -13.84
C ASP A 949 -6.65 20.42 -12.98
N TYR A 950 -5.57 20.86 -12.31
CA TYR A 950 -5.63 22.01 -11.38
C TYR A 950 -5.61 23.40 -12.07
N ASN A 951 -5.47 23.42 -13.40
CA ASN A 951 -5.56 24.70 -14.16
C ASN A 951 -6.31 24.53 -15.45
N GLY A 952 -7.56 24.07 -15.38
CA GLY A 952 -8.35 23.77 -16.61
C GLY A 952 -9.72 23.19 -16.25
N ASP A 953 -10.51 22.77 -17.24
CA ASP A 953 -11.84 22.17 -16.91
C ASP A 953 -11.76 20.65 -16.62
N ASN A 954 -12.59 20.18 -15.69
CA ASN A 954 -12.75 18.75 -15.31
C ASN A 954 -14.21 18.38 -15.45
N TRP A 955 -14.50 17.09 -15.64
CA TRP A 955 -15.89 16.58 -15.68
C TRP A 955 -16.11 15.62 -14.49
N ILE A 956 -17.11 15.90 -13.64
CA ILE A 956 -17.45 15.04 -12.48
C ILE A 956 -18.76 14.31 -12.75
N GLY A 957 -18.86 13.06 -12.28
CA GLY A 957 -19.98 12.14 -12.48
C GLY A 957 -20.45 11.44 -11.18
N VAL A 958 -21.79 11.36 -10.97
CA VAL A 958 -22.35 10.66 -9.77
C VAL A 958 -23.52 9.73 -10.22
N ALA A 959 -23.42 8.39 -10.05
CA ALA A 959 -24.59 7.53 -10.35
C ALA A 959 -25.35 7.33 -9.02
N LEU A 960 -26.68 7.35 -9.04
CA LEU A 960 -27.51 7.17 -7.79
C LEU A 960 -28.53 5.98 -7.99
N TRP A 961 -28.43 4.92 -7.19
CA TRP A 961 -29.32 3.70 -7.27
C TRP A 961 -30.16 3.70 -5.96
N ALA A 962 -31.43 4.14 -6.05
CA ALA A 962 -32.37 4.06 -4.97
C ALA A 962 -32.93 2.61 -4.84
N LEU A 963 -32.80 1.99 -3.66
CA LEU A 963 -33.14 0.53 -3.43
C LEU A 963 -34.58 0.31 -2.97
N GLU A 964 -35.20 1.35 -2.41
CA GLU A 964 -36.58 1.22 -1.96
C GLU A 964 -37.61 2.09 -2.72
N SER A 965 -38.89 1.71 -2.55
CA SER A 965 -39.98 2.30 -3.35
C SER A 965 -40.18 3.84 -3.24
N ARG A 966 -39.67 4.40 -2.15
CA ARG A 966 -39.72 5.85 -1.81
C ARG A 966 -38.62 6.68 -2.48
N GLY A 967 -37.67 5.99 -3.12
CA GLY A 967 -36.50 6.64 -3.77
C GLY A 967 -35.39 7.06 -2.81
N ALA A 968 -34.54 8.00 -3.26
CA ALA A 968 -33.32 8.43 -2.45
C ALA A 968 -32.72 9.71 -2.96
N LYS A 969 -31.86 10.37 -2.15
CA LYS A 969 -31.07 11.55 -2.61
C LYS A 969 -29.74 11.61 -1.88
N VAL A 970 -28.77 12.36 -2.41
CA VAL A 970 -27.52 12.62 -1.63
C VAL A 970 -27.72 13.80 -0.64
N PRO A 971 -27.64 13.55 0.69
CA PRO A 971 -27.95 14.64 1.67
C PRO A 971 -26.96 15.82 1.61
N GLY A 972 -25.69 15.55 1.31
CA GLY A 972 -24.67 16.62 1.08
C GLY A 972 -23.42 16.05 0.37
N LEU A 973 -22.79 16.88 -0.47
CA LEU A 973 -21.60 16.53 -1.27
C LEU A 973 -20.68 17.78 -1.40
N ALA A 974 -19.42 17.64 -0.99
CA ALA A 974 -18.55 18.79 -0.90
C ALA A 974 -17.11 18.43 -1.34
N LEU A 975 -16.35 19.41 -1.85
CA LEU A 975 -14.94 19.20 -2.16
C LEU A 975 -14.17 19.78 -0.99
N LYS A 976 -13.21 19.01 -0.45
CA LYS A 976 -12.43 19.40 0.71
C LYS A 976 -10.95 19.39 0.38
N SER A 977 -10.20 20.36 0.96
CA SER A 977 -8.75 20.45 0.79
C SER A 977 -8.06 20.23 2.12
N LYS A 978 -6.85 19.70 2.07
CA LYS A 978 -6.03 19.65 3.31
C LYS A 978 -5.11 20.90 3.32
N SER A 979 -4.46 21.16 4.45
CA SER A 979 -3.52 22.32 4.58
C SER A 979 -2.43 22.31 3.46
N PRO A 980 -2.26 23.43 2.69
CA PRO A 980 -1.35 23.38 1.51
C PRO A 980 0.15 23.23 1.88
N ILE A 981 0.88 22.49 1.06
CA ILE A 981 2.31 22.22 1.33
C ILE A 981 3.15 22.96 0.28
N LEU A 982 4.06 23.88 0.71
CA LEU A 982 4.98 24.59 -0.24
C LEU A 982 5.99 23.53 -0.72
N THR A 983 6.19 23.34 -2.06
CA THR A 983 6.75 22.05 -2.57
C THR A 983 7.92 22.22 -3.53
N GLY A 984 8.90 21.33 -3.42
CA GLY A 984 9.96 21.27 -4.45
C GLY A 984 9.92 19.99 -5.28
N ARG A 985 8.74 19.34 -5.43
CA ARG A 985 8.61 18.11 -6.23
C ARG A 985 8.77 18.44 -7.73
N GLU A 986 8.97 17.39 -8.54
CA GLU A 986 8.92 17.58 -10.04
C GLU A 986 7.45 17.79 -10.49
N ARG A 987 7.19 18.61 -11.54
CA ARG A 987 5.83 18.96 -11.96
C ARG A 987 4.97 17.73 -12.38
N VAL A 988 3.69 17.79 -12.00
CA VAL A 988 2.75 16.76 -12.28
C VAL A 988 2.11 17.00 -13.62
N GLU A 989 2.15 16.01 -14.53
CA GLU A 989 1.55 16.17 -15.88
C GLU A 989 0.12 15.61 -15.84
N VAL A 990 -0.83 16.30 -16.47
CA VAL A 990 -2.23 15.82 -16.49
C VAL A 990 -2.36 14.55 -17.39
N VAL A 991 -3.14 13.54 -16.95
CA VAL A 991 -3.35 12.26 -17.69
C VAL A 991 -4.44 12.53 -18.71
N LYS A 992 -4.11 12.42 -20.01
CA LYS A 992 -5.00 12.81 -21.06
C LYS A 992 -5.89 11.65 -21.58
N GLY A 993 -6.95 11.32 -20.86
CA GLY A 993 -7.81 10.18 -21.30
C GLY A 993 -8.75 10.66 -22.43
N PRO A 994 -9.22 9.76 -23.34
CA PRO A 994 -10.10 10.15 -24.45
C PRO A 994 -11.45 10.72 -24.00
N HIS A 995 -11.96 11.70 -24.75
CA HIS A 995 -13.23 12.32 -24.42
C HIS A 995 -14.36 11.45 -25.09
N PHE A 996 -15.61 11.77 -24.77
CA PHE A 996 -16.74 11.06 -25.32
C PHE A 996 -16.66 11.03 -26.84
N LYS A 997 -17.02 9.88 -27.44
CA LYS A 997 -17.32 9.75 -28.89
C LYS A 997 -18.47 8.72 -29.01
N LYS A 998 -19.41 9.02 -29.90
CA LYS A 998 -20.58 8.15 -30.13
C LYS A 998 -20.13 6.65 -30.45
N ARG A 999 -20.67 5.67 -29.72
CA ARG A 999 -20.27 4.25 -29.85
C ARG A 999 -21.22 3.46 -30.82
N HIS A 1000 -20.67 2.88 -31.88
CA HIS A 1000 -21.48 2.05 -32.84
C HIS A 1000 -21.87 0.70 -32.19
N GLY A 1001 -23.11 0.27 -32.38
CA GLY A 1001 -23.57 -1.00 -31.86
C GLY A 1001 -23.93 -0.92 -30.37
N ALA A 1002 -23.97 0.28 -29.76
CA ALA A 1002 -24.31 0.34 -28.31
C ALA A 1002 -25.80 0.08 -28.03
N TYR A 1003 -26.12 -0.28 -26.78
CA TYR A 1003 -27.50 -0.55 -26.34
C TYR A 1003 -27.60 -0.19 -24.84
#